data_6DGT
#
_entry.id   6DGT
#
_cell.length_a   63.517
_cell.length_b   143.502
_cell.length_c   221.256
_cell.angle_alpha   90.00
_cell.angle_beta   90.00
_cell.angle_gamma   90.00
#
_symmetry.space_group_name_H-M   'C 2 2 21'
#
loop_
_entity.id
_entity.type
_entity.pdbx_description
1 polymer 'Phosphatidylinositol 4,5-bisphosphate 3-kinase catalytic subunit delta isoform'
2 non-polymer 4-[1-(5,8-difluoroquinolin-4-yl)-2-methyl-4-(4H-1,2,4-triazol-3-yl)-1H-benzimidazol-6-yl]-3-fluoropyridin-2-amine
3 water water
#
_entity_poly.entity_id   1
_entity_poly.type   'polypeptide(L)'
_entity_poly.pdbx_seq_one_letter_code
;GDRVKKLINSQISLLIGKGLHEFDSLRDPEVNDFRTKMRQFCEEAAAHRQQLGWVEWLQYSFPLQLEPSARGWRAGLLRV
SNRALLVNVKFEGSEESFTFQVSTKDMPLALMACALRKKATVFRQPLVEQPEEYALQVNGRHEYLYGNYPLCHFQYICSC
LHSGLTPHLTMVHSSSILAMRDEQSNPAPQVQKPRAKPPPIPAKKPSSVSLWSLEQPFSIELIEGRKVNADERMKLVVQA
GLFHGNEMLCKTVSSSEVNVCSEPVWKQRLEFDISVCDLPRMARLCFALYAVVEKAKKARSTKKKSKKADCPIAWANLML
FDYKDQLKTGERCLYMWPSVPDEKGELLNPAGTVRGNPNTESAAALVIYLPEVAPHPVYFPALEKILELGRHGERGRITE
EELQLREILERRGSGELYEHEKDLVWKMRHEVQEHFPEALARLLLVTKWNKHEDVAQMLYLLCSWPELPVLSALELLDFS
FPDCYVGSFAIKSLRKLTDDELFQYLLQLVQVLKYESYLDCELTKFLLGRALANRKIGHFLFWHLRSEMHVPSVALRFGL
IMEAYCRGSTHHMKVLMKQGEALSKLKALNDFVKVSSQKTTKPQTKEMMHMCMRQETYMEALSHLQSPLDPSTLLEEVCV
EQCTFMDSKMKPLWIMYSSEEAGSAGNVGIIFKNGDDLRQDMLTLQMIQLMDVLWKQEGLDLRMTPYGCLPTGDRTGLIE
VVLHSDTIANIQLNKSNMAATAAFNKDALLNWLKSKNPGEALDRAIEEFTLSCAGYCVATYVLGIGDRHSDNIMIRESGQ
LFHIDFGHFLGNFKTKFGINRERVPFILTYDFVHVIQQGKTNNSEKFERFRGYCERAYTILRRHGLLFLHLFALMRAAGL
PELSCSKDIQYLKDSLALGKTEEEALKHFRVKFNEALRESWKTKVNWLAHNVSKDNRQ
;
_entity_poly.pdbx_strand_id   A
#
loop_
_chem_comp.id
_chem_comp.type
_chem_comp.name
_chem_comp.formula
GFJ non-polymer 4-[1-(5,8-difluoroquinolin-4-yl)-2-methyl-4-(4H-1,2,4-triazol-3-yl)-1H-benzimidazol-6-yl]-3-fluoropyridin-2-amine 'C24 H15 F3 N8'
#
# COMPACT_ATOMS: atom_id res chain seq x y z
N LYS A 6 26.34 9.21 -17.08
CA LYS A 6 25.49 8.80 -18.20
C LYS A 6 25.01 7.38 -18.08
N LEU A 7 25.92 6.46 -17.69
CA LEU A 7 25.47 5.08 -17.50
C LEU A 7 24.44 5.03 -16.38
N ILE A 8 24.71 5.77 -15.30
CA ILE A 8 23.70 5.95 -14.26
C ILE A 8 22.37 6.43 -14.84
N ASN A 9 22.43 7.35 -15.83
CA ASN A 9 21.19 7.85 -16.38
C ASN A 9 20.48 6.75 -17.13
N SER A 10 21.24 6.00 -17.91
CA SER A 10 20.64 4.90 -18.63
C SER A 10 20.14 3.85 -17.65
N GLN A 11 20.84 3.65 -16.55
CA GLN A 11 20.34 2.65 -15.64
C GLN A 11 19.01 3.07 -15.06
N ILE A 12 18.90 4.33 -14.58
CA ILE A 12 17.62 4.87 -14.03
C ILE A 12 16.51 4.73 -15.04
N SER A 13 16.84 4.79 -16.35
CA SER A 13 15.76 4.75 -17.34
C SER A 13 15.22 3.36 -17.53
N LEU A 14 16.08 2.33 -17.43
CA LEU A 14 15.57 0.97 -17.53
C LEU A 14 14.77 0.59 -16.29
N LEU A 15 15.28 0.98 -15.12
CA LEU A 15 14.68 0.58 -13.86
C LEU A 15 13.27 1.15 -13.75
N ILE A 16 13.18 2.47 -13.83
CA ILE A 16 11.87 3.10 -13.67
C ILE A 16 11.01 2.96 -14.92
N GLY A 17 11.54 2.51 -16.05
CA GLY A 17 10.68 2.27 -17.20
C GLY A 17 10.21 3.46 -18.07
N LYS A 18 10.91 4.60 -18.06
CA LYS A 18 10.66 5.69 -18.99
C LYS A 18 11.99 6.42 -19.17
N GLY A 19 12.15 7.10 -20.31
CA GLY A 19 13.40 7.79 -20.62
C GLY A 19 13.49 9.20 -20.07
N LEU A 20 14.62 9.54 -19.53
CA LEU A 20 14.74 10.93 -19.06
C LEU A 20 14.99 12.07 -20.15
N ASP A 24 12.44 15.82 -19.87
CA ASP A 24 13.18 16.86 -20.64
C ASP A 24 12.42 17.41 -21.80
N SER A 25 11.78 16.52 -22.54
CA SER A 25 11.07 16.87 -23.76
C SER A 25 9.81 17.66 -23.52
N LEU A 26 9.46 17.90 -22.27
CA LEU A 26 8.22 18.58 -21.99
C LEU A 26 8.45 20.07 -21.80
N ARG A 27 9.73 20.46 -21.76
CA ARG A 27 10.24 21.73 -21.25
C ARG A 27 9.26 22.45 -20.34
N ASP A 28 8.88 21.78 -19.28
CA ASP A 28 7.94 22.30 -18.32
C ASP A 28 8.76 22.71 -17.13
N PRO A 29 8.80 23.99 -16.75
CA PRO A 29 9.68 24.37 -15.65
C PRO A 29 9.23 23.77 -14.35
N GLU A 30 7.96 23.37 -14.22
CA GLU A 30 7.55 22.62 -13.04
C GLU A 30 8.31 21.31 -12.97
N VAL A 31 8.26 20.53 -14.05
CA VAL A 31 8.99 19.28 -14.08
C VAL A 31 10.50 19.50 -13.87
N ASN A 32 11.13 20.44 -14.64
CA ASN A 32 12.56 20.74 -14.40
C ASN A 32 12.82 21.20 -12.95
N ASP A 33 11.91 21.97 -12.37
CA ASP A 33 12.06 22.38 -10.98
C ASP A 33 12.04 21.18 -10.06
N PHE A 34 11.06 20.29 -10.24
CA PHE A 34 10.99 19.11 -9.39
C PHE A 34 12.32 18.38 -9.41
N ARG A 35 12.89 18.14 -10.59
CA ARG A 35 14.00 17.21 -10.68
C ARG A 35 15.25 17.76 -10.03
N THR A 36 15.55 19.03 -10.23
CA THR A 36 16.79 19.52 -9.64
C THR A 36 16.60 19.78 -8.16
N LYS A 37 15.44 20.31 -7.75
CA LYS A 37 15.21 20.51 -6.31
C LYS A 37 15.33 19.20 -5.56
N MET A 38 14.45 18.25 -5.87
CA MET A 38 14.53 16.93 -5.25
C MET A 38 15.90 16.23 -5.41
N ARG A 39 16.68 16.51 -6.46
CA ARG A 39 17.96 15.81 -6.59
C ARG A 39 18.97 16.33 -5.57
N GLN A 40 19.12 17.66 -5.49
CA GLN A 40 19.87 18.23 -4.37
C GLN A 40 19.46 17.57 -3.04
N PHE A 41 18.17 17.70 -2.68
CA PHE A 41 17.59 16.97 -1.56
C PHE A 41 18.04 15.50 -1.43
N CYS A 42 17.84 14.69 -2.47
CA CYS A 42 18.12 13.27 -2.27
C CYS A 42 19.63 13.01 -2.13
N GLU A 43 20.46 13.74 -2.89
CA GLU A 43 21.91 13.66 -2.70
C GLU A 43 22.33 14.15 -1.32
N GLU A 44 21.59 15.11 -0.71
CA GLU A 44 21.91 15.49 0.66
C GLU A 44 21.77 14.28 1.57
N ALA A 45 20.62 13.58 1.49
CA ALA A 45 20.39 12.44 2.38
C ALA A 45 21.45 11.36 2.18
N ALA A 46 21.68 10.93 0.93
CA ALA A 46 22.75 9.98 0.63
C ALA A 46 24.12 10.41 1.13
N ALA A 47 24.34 11.70 1.36
CA ALA A 47 25.63 12.14 1.89
C ALA A 47 25.66 11.93 3.39
N HIS A 48 24.66 12.48 4.08
CA HIS A 48 24.45 12.18 5.47
C HIS A 48 24.63 10.69 5.73
N ARG A 49 24.01 9.85 4.88
CA ARG A 49 24.01 8.41 5.11
C ARG A 49 25.44 7.89 5.26
N GLN A 50 26.30 8.24 4.32
CA GLN A 50 27.64 7.68 4.36
C GLN A 50 28.40 8.10 5.61
N GLN A 51 27.93 9.10 6.35
CA GLN A 51 28.67 9.47 7.53
C GLN A 51 28.11 8.87 8.84
N LEU A 52 27.14 7.94 8.79
CA LEU A 52 26.57 7.38 10.02
C LEU A 52 27.50 6.37 10.69
N GLY A 53 27.33 6.23 12.01
CA GLY A 53 27.98 5.16 12.72
C GLY A 53 27.49 3.81 12.24
N TRP A 54 28.33 2.79 12.41
CA TRP A 54 28.00 1.52 11.80
C TRP A 54 26.70 0.89 12.34
N VAL A 55 26.35 1.07 13.62
CA VAL A 55 25.02 0.62 14.03
C VAL A 55 23.92 1.51 13.42
N GLU A 56 24.21 2.79 13.22
CA GLU A 56 23.29 3.64 12.44
C GLU A 56 23.14 3.12 10.99
N TRP A 57 24.17 2.54 10.41
CA TRP A 57 23.98 2.09 9.04
C TRP A 57 23.16 0.79 8.95
N LEU A 58 23.40 -0.17 9.84
CA LEU A 58 22.53 -1.33 9.97
C LEU A 58 21.06 -0.95 10.05
N GLN A 59 20.72 -0.03 10.97
CA GLN A 59 19.38 0.51 11.06
C GLN A 59 18.88 1.02 9.71
N TYR A 60 19.76 1.57 8.84
CA TYR A 60 19.35 2.04 7.52
C TYR A 60 19.15 0.89 6.58
N SER A 61 20.12 0.00 6.48
CA SER A 61 20.07 -1.01 5.43
C SER A 61 19.34 -2.28 5.84
N PHE A 62 19.35 -2.62 7.13
CA PHE A 62 18.70 -3.83 7.63
C PHE A 62 17.89 -3.44 8.87
N PRO A 63 16.79 -2.74 8.69
CA PRO A 63 15.98 -2.36 9.88
C PRO A 63 15.57 -3.59 10.67
N LEU A 64 15.59 -3.48 11.98
CA LEU A 64 15.30 -4.68 12.75
C LEU A 64 13.86 -5.15 12.52
N GLN A 65 13.70 -6.44 12.48
CA GLN A 65 12.39 -6.98 12.24
C GLN A 65 11.99 -7.60 13.55
N LEU A 66 11.36 -6.80 14.40
CA LEU A 66 10.79 -7.25 15.67
C LEU A 66 9.36 -7.79 15.49
N GLU A 67 8.63 -8.05 16.60
CA GLU A 67 7.14 -8.04 16.52
C GLU A 67 6.68 -7.38 17.86
N PRO A 68 5.46 -7.01 18.10
CA PRO A 68 5.19 -5.98 19.08
C PRO A 68 5.32 -6.45 20.48
N ALA A 84 14.18 -21.16 27.08
CA ALA A 84 15.44 -21.90 26.80
C ALA A 84 15.57 -22.17 25.33
N LEU A 85 16.80 -22.15 24.81
CA LEU A 85 16.90 -22.02 23.36
C LEU A 85 18.28 -22.45 22.86
N LEU A 86 18.29 -23.27 21.82
CA LEU A 86 19.51 -23.69 21.15
C LEU A 86 19.77 -22.72 20.03
N VAL A 87 20.99 -22.21 19.92
CA VAL A 87 21.29 -21.29 18.84
C VAL A 87 22.73 -21.54 18.41
N ASN A 88 22.98 -21.57 17.10
CA ASN A 88 24.27 -21.92 16.50
C ASN A 88 24.92 -20.73 15.79
N VAL A 89 26.18 -20.42 16.14
CA VAL A 89 26.86 -19.20 15.70
C VAL A 89 28.17 -19.60 15.04
N LYS A 90 28.59 -18.84 14.01
CA LYS A 90 29.91 -18.95 13.36
C LYS A 90 30.49 -17.55 13.19
N PHE A 91 31.70 -17.42 12.73
CA PHE A 91 32.25 -16.14 12.35
C PHE A 91 32.46 -16.15 10.84
N GLU A 92 32.76 -14.97 10.27
CA GLU A 92 32.98 -14.85 8.81
C GLU A 92 34.21 -15.67 8.42
N GLU A 95 34.41 -21.11 8.95
CA GLU A 95 33.34 -22.10 8.74
C GLU A 95 32.98 -22.86 10.00
N GLU A 96 33.86 -22.89 10.98
CA GLU A 96 33.51 -23.64 12.18
C GLU A 96 32.41 -22.90 12.97
N SER A 97 31.34 -23.63 13.28
CA SER A 97 30.29 -23.09 14.14
C SER A 97 30.39 -23.67 15.55
N PHE A 98 29.73 -22.99 16.49
CA PHE A 98 29.61 -23.44 17.87
C PHE A 98 28.14 -23.36 18.24
N THR A 99 27.61 -24.42 18.80
CA THR A 99 26.27 -24.36 19.36
C THR A 99 26.29 -24.05 20.85
N PHE A 100 25.33 -23.21 21.26
CA PHE A 100 25.04 -22.81 22.61
C PHE A 100 23.61 -23.12 22.98
N GLN A 101 23.33 -23.08 24.26
CA GLN A 101 21.99 -22.80 24.72
C GLN A 101 22.00 -21.39 25.29
N VAL A 102 20.90 -20.67 25.12
CA VAL A 102 20.75 -19.35 25.72
C VAL A 102 19.33 -19.24 26.24
N SER A 103 19.05 -18.13 26.94
CA SER A 103 17.72 -17.73 27.39
C SER A 103 16.99 -16.97 26.29
N THR A 104 15.75 -17.39 26.01
CA THR A 104 14.84 -16.57 25.22
C THR A 104 14.81 -15.11 25.68
N LYS A 105 15.15 -14.82 26.96
CA LYS A 105 15.20 -13.46 27.50
C LYS A 105 16.55 -12.74 27.31
N ASP A 106 17.56 -13.36 26.69
CA ASP A 106 18.91 -12.77 26.65
C ASP A 106 19.08 -11.80 25.52
N MET A 107 20.03 -10.87 25.70
CA MET A 107 20.25 -9.79 24.75
C MET A 107 21.24 -10.26 23.67
N PRO A 108 21.17 -9.81 22.39
CA PRO A 108 22.14 -10.35 21.40
C PRO A 108 23.61 -10.26 21.87
N LEU A 109 23.93 -9.15 22.51
CA LEU A 109 25.19 -8.96 23.21
C LEU A 109 25.67 -10.19 23.99
N ALA A 110 24.78 -10.70 24.83
CA ALA A 110 25.15 -11.80 25.69
C ALA A 110 25.50 -13.00 24.84
N LEU A 111 24.74 -13.21 23.78
CA LEU A 111 25.02 -14.29 22.85
C LEU A 111 26.38 -14.11 22.25
N MET A 112 26.71 -12.88 21.85
CA MET A 112 27.98 -12.68 21.18
C MET A 112 29.12 -12.99 22.13
N ALA A 113 29.00 -12.50 23.36
CA ALA A 113 30.02 -12.72 24.37
C ALA A 113 30.27 -14.21 24.57
N CYS A 114 29.22 -15.03 24.60
CA CYS A 114 29.48 -16.46 24.61
C CYS A 114 30.32 -16.82 23.42
N ALA A 115 29.84 -16.42 22.24
CA ALA A 115 30.53 -16.73 21.00
C ALA A 115 31.99 -16.33 21.06
N LEU A 116 32.31 -15.20 21.68
CA LEU A 116 33.69 -14.73 21.70
C LEU A 116 34.57 -15.63 22.55
N ARG A 117 34.13 -15.96 23.77
CA ARG A 117 34.78 -16.91 24.66
C ARG A 117 34.57 -18.39 24.22
N GLN A 130 35.68 -8.25 22.38
CA GLN A 130 34.64 -7.43 23.02
C GLN A 130 33.29 -7.34 22.23
N PRO A 131 32.19 -7.82 22.84
CA PRO A 131 30.94 -8.00 22.07
C PRO A 131 30.44 -6.76 21.33
N GLU A 132 30.59 -5.55 21.90
CA GLU A 132 30.01 -4.32 21.37
C GLU A 132 30.44 -3.97 19.94
N GLU A 133 31.34 -4.76 19.38
CA GLU A 133 31.97 -4.49 18.10
C GLU A 133 31.43 -5.39 17.02
N TYR A 134 30.21 -5.87 17.21
CA TYR A 134 29.70 -6.95 16.41
C TYR A 134 28.20 -6.83 16.32
N ALA A 135 27.65 -7.45 15.28
CA ALA A 135 26.23 -7.75 15.28
C ALA A 135 26.04 -9.18 14.82
N LEU A 136 24.89 -9.72 15.08
CA LEU A 136 24.53 -11.04 14.63
C LEU A 136 23.74 -10.96 13.33
N GLN A 137 24.24 -11.61 12.26
CA GLN A 137 23.54 -11.71 10.98
C GLN A 137 22.76 -13.01 10.93
N VAL A 138 21.53 -12.98 10.37
CA VAL A 138 20.86 -14.26 10.13
C VAL A 138 21.48 -14.88 8.90
N ASN A 139 21.77 -16.17 8.94
CA ASN A 139 22.49 -16.78 7.81
C ASN A 139 21.66 -16.65 6.52
N GLY A 140 22.33 -16.20 5.46
CA GLY A 140 21.72 -16.09 4.13
C GLY A 140 20.44 -15.27 4.03
N ARG A 141 20.25 -14.27 4.91
CA ARG A 141 19.14 -13.30 4.85
C ARG A 141 19.70 -11.91 5.04
N HIS A 142 19.01 -10.88 4.56
CA HIS A 142 19.43 -9.52 4.91
C HIS A 142 18.80 -9.05 6.20
N GLU A 143 19.26 -9.70 7.28
CA GLU A 143 18.66 -9.51 8.56
C GLU A 143 19.80 -9.49 9.55
N TYR A 144 19.75 -8.59 10.53
CA TYR A 144 20.72 -8.63 11.64
C TYR A 144 19.96 -8.55 12.96
N LEU A 145 20.58 -9.02 14.06
CA LEU A 145 19.91 -8.99 15.37
C LEU A 145 20.46 -7.91 16.29
N TYR A 149 17.18 -5.36 23.49
CA TYR A 149 16.21 -6.40 23.05
C TYR A 149 16.49 -7.91 23.39
N PRO A 150 15.54 -8.53 24.06
CA PRO A 150 15.65 -9.98 24.30
C PRO A 150 15.32 -10.73 23.04
N LEU A 151 16.01 -11.85 22.83
CA LEU A 151 15.86 -12.52 21.54
C LEU A 151 14.42 -12.94 21.27
N CYS A 152 13.58 -13.03 22.32
CA CYS A 152 12.15 -13.33 22.28
C CYS A 152 11.47 -12.29 21.40
N HIS A 153 12.16 -11.19 21.10
CA HIS A 153 11.53 -10.16 20.31
C HIS A 153 11.85 -10.21 18.82
N PHE A 154 12.79 -11.05 18.39
CA PHE A 154 13.27 -10.92 17.02
C PHE A 154 12.51 -11.90 16.14
N GLN A 155 11.61 -11.37 15.30
CA GLN A 155 10.97 -12.13 14.23
C GLN A 155 11.72 -13.40 13.83
N TYR A 156 13.01 -13.34 13.47
CA TYR A 156 13.69 -14.54 13.03
C TYR A 156 13.78 -15.59 14.12
N ILE A 157 13.86 -15.15 15.37
CA ILE A 157 13.95 -16.07 16.48
C ILE A 157 12.60 -16.75 16.75
N CYS A 158 11.48 -16.01 16.73
CA CYS A 158 10.19 -16.69 16.93
C CYS A 158 9.84 -17.53 15.72
N SER A 159 10.02 -16.96 14.52
CA SER A 159 9.91 -17.79 13.33
C SER A 159 10.80 -19.02 13.45
N CYS A 160 11.76 -19.03 14.37
CA CYS A 160 12.43 -20.28 14.66
C CYS A 160 11.85 -20.99 15.90
N LEU A 161 11.58 -20.29 17.02
CA LEU A 161 11.06 -20.96 18.24
C LEU A 161 9.81 -21.78 17.89
N HIS A 162 8.62 -21.15 17.70
CA HIS A 162 7.42 -21.79 17.12
C HIS A 162 7.60 -22.88 16.05
N SER A 163 8.77 -22.99 15.46
CA SER A 163 8.95 -23.94 14.37
C SER A 163 10.13 -24.90 14.58
N GLY A 164 10.67 -24.96 15.80
CA GLY A 164 11.69 -25.93 16.15
C GLY A 164 12.99 -25.88 15.37
N LEU A 165 13.03 -25.18 14.23
CA LEU A 165 14.32 -24.97 13.58
C LEU A 165 15.28 -24.29 14.53
N THR A 166 16.57 -24.53 14.33
CA THR A 166 17.46 -23.87 15.28
C THR A 166 18.07 -22.66 14.64
N PRO A 167 18.01 -21.51 15.31
CA PRO A 167 18.56 -20.27 14.71
C PRO A 167 20.00 -20.49 14.32
N HIS A 168 20.35 -20.09 13.11
CA HIS A 168 21.75 -19.99 12.74
C HIS A 168 22.15 -18.55 12.44
N LEU A 169 23.16 -18.07 13.16
CA LEU A 169 23.66 -16.73 12.97
C LEU A 169 25.16 -16.70 12.77
N THR A 170 25.60 -15.52 12.35
CA THR A 170 27.00 -15.23 12.05
C THR A 170 27.40 -13.93 12.73
N MET A 171 28.50 -13.97 13.49
CA MET A 171 29.12 -12.77 14.08
C MET A 171 29.77 -11.96 12.98
N VAL A 172 29.32 -10.73 12.75
CA VAL A 172 29.90 -9.93 11.69
C VAL A 172 30.53 -8.72 12.35
N HIS A 173 31.83 -8.60 12.17
CA HIS A 173 32.55 -7.56 12.87
C HIS A 173 32.28 -6.19 12.26
N SER A 174 32.34 -5.16 13.13
CA SER A 174 32.04 -3.78 12.74
C SER A 174 32.98 -3.23 11.67
N SER A 175 34.23 -3.71 11.59
CA SER A 175 35.02 -3.36 10.42
C SER A 175 34.30 -3.81 9.16
N SER A 176 33.67 -4.98 9.20
CA SER A 176 33.25 -5.47 7.93
C SER A 176 31.98 -4.72 7.51
N ILE A 177 31.14 -4.31 8.46
CA ILE A 177 29.95 -3.50 8.14
C ILE A 177 30.35 -2.14 7.54
N LEU A 178 31.35 -1.45 8.12
CA LEU A 178 31.79 -0.22 7.52
C LEU A 178 32.11 -0.40 6.06
N ALA A 179 32.61 -1.58 5.68
CA ALA A 179 32.95 -1.80 4.28
C ALA A 179 31.71 -1.67 3.38
N MET A 180 30.59 -2.31 3.78
CA MET A 180 29.36 -2.15 3.02
C MET A 180 29.01 -0.66 2.89
N ARG A 181 28.89 0.03 4.04
CA ARG A 181 28.54 1.44 4.00
C ARG A 181 29.34 2.15 2.89
N ASP A 182 30.65 1.90 2.90
CA ASP A 182 31.54 2.59 1.99
C ASP A 182 31.29 2.18 0.55
N GLU A 183 31.17 0.88 0.31
CA GLU A 183 30.84 0.33 -1.00
C GLU A 183 29.50 0.83 -1.57
N GLN A 184 28.64 1.47 -0.78
CA GLN A 184 27.32 1.87 -1.25
C GLN A 184 27.19 3.37 -1.39
N SER A 185 28.30 4.06 -1.54
CA SER A 185 28.30 5.50 -1.62
C SER A 185 28.45 5.95 -3.06
N ASN A 186 27.91 7.14 -3.35
CA ASN A 186 28.15 7.68 -4.67
C ASN A 186 29.38 8.61 -4.76
N SER A 213 -7.29 41.37 -3.90
CA SER A 213 -7.44 42.77 -4.34
C SER A 213 -8.30 43.00 -5.60
N LEU A 214 -9.01 41.99 -6.06
CA LEU A 214 -9.69 42.01 -7.36
C LEU A 214 -11.05 41.36 -7.22
N GLU A 215 -12.10 42.18 -7.21
CA GLU A 215 -13.42 41.73 -6.79
C GLU A 215 -14.44 41.54 -7.93
N GLN A 216 -13.98 41.28 -9.17
CA GLN A 216 -14.95 40.96 -10.20
C GLN A 216 -15.27 39.47 -10.13
N PRO A 217 -16.39 39.04 -10.73
CA PRO A 217 -16.62 37.60 -10.90
C PRO A 217 -15.48 36.97 -11.68
N PHE A 218 -15.05 35.80 -11.19
CA PHE A 218 -14.25 34.88 -11.98
C PHE A 218 -15.06 34.46 -13.21
N SER A 219 -14.42 34.61 -14.37
CA SER A 219 -14.90 34.14 -15.66
C SER A 219 -13.72 33.52 -16.41
N ILE A 220 -14.00 32.43 -17.10
CA ILE A 220 -13.07 32.02 -18.12
C ILE A 220 -13.66 32.38 -19.47
N GLU A 221 -13.18 31.71 -20.50
CA GLU A 221 -13.97 31.61 -21.71
C GLU A 221 -13.65 30.31 -22.46
N LEU A 222 -14.70 29.61 -22.88
CA LEU A 222 -14.70 28.39 -23.69
C LEU A 222 -14.58 28.75 -25.19
N ILE A 223 -13.34 28.79 -25.70
CA ILE A 223 -13.07 29.07 -27.10
C ILE A 223 -13.74 27.99 -27.97
N GLU A 224 -13.14 26.81 -28.10
CA GLU A 224 -13.66 25.80 -29.02
C GLU A 224 -13.14 24.40 -28.58
N GLY A 225 -13.52 23.36 -29.37
CA GLY A 225 -13.05 21.99 -29.17
C GLY A 225 -12.66 21.19 -30.43
N ARG A 226 -12.44 19.86 -30.30
CA ARG A 226 -11.74 19.17 -31.39
C ARG A 226 -12.14 17.73 -31.71
N LYS A 227 -13.05 17.07 -30.98
CA LYS A 227 -13.44 15.70 -31.36
C LYS A 227 -14.85 15.33 -30.92
N VAL A 228 -15.30 14.18 -31.45
CA VAL A 228 -16.72 13.85 -31.50
C VAL A 228 -17.08 12.70 -30.55
N MET A 234 -27.17 15.02 -32.44
CA MET A 234 -27.15 15.31 -31.02
C MET A 234 -26.37 16.59 -30.75
N LYS A 235 -26.39 17.02 -29.47
CA LYS A 235 -25.95 18.35 -29.08
C LYS A 235 -24.80 18.31 -28.08
N LEU A 236 -23.85 19.22 -28.28
CA LEU A 236 -22.62 19.30 -27.49
C LEU A 236 -22.74 20.32 -26.35
N VAL A 237 -22.71 19.79 -25.09
CA VAL A 237 -22.65 20.58 -23.85
C VAL A 237 -21.26 20.52 -23.24
N VAL A 238 -20.84 21.63 -22.65
CA VAL A 238 -19.74 21.65 -21.71
C VAL A 238 -20.26 22.10 -20.36
N GLN A 239 -19.95 21.35 -19.31
CA GLN A 239 -20.17 21.81 -17.96
C GLN A 239 -18.86 22.23 -17.29
N ALA A 240 -18.88 23.38 -16.60
CA ALA A 240 -17.66 23.83 -15.93
C ALA A 240 -17.94 24.17 -14.47
N GLY A 241 -17.26 23.49 -13.55
CA GLY A 241 -17.39 23.75 -12.12
C GLY A 241 -16.12 24.22 -11.39
N LEU A 242 -16.26 25.01 -10.31
CA LEU A 242 -15.08 25.34 -9.50
C LEU A 242 -15.19 24.61 -8.17
N PHE A 243 -14.11 23.84 -7.83
CA PHE A 243 -14.07 23.03 -6.62
C PHE A 243 -12.90 23.38 -5.73
N HIS A 244 -13.17 23.29 -4.43
CA HIS A 244 -12.17 22.98 -3.39
C HIS A 244 -12.43 21.57 -2.85
N GLY A 245 -11.45 20.68 -3.05
CA GLY A 245 -11.68 19.30 -2.72
C GLY A 245 -12.77 18.82 -3.61
N ASN A 246 -13.62 17.94 -3.09
CA ASN A 246 -14.86 17.66 -3.80
C ASN A 246 -16.00 18.46 -3.17
N GLU A 247 -15.74 19.76 -3.00
CA GLU A 247 -16.76 20.75 -2.67
C GLU A 247 -16.65 21.88 -3.70
N MET A 248 -17.78 22.39 -4.17
CA MET A 248 -17.68 23.47 -5.17
C MET A 248 -17.76 24.82 -4.48
N LEU A 249 -16.88 25.73 -4.86
CA LEU A 249 -16.95 27.07 -4.27
C LEU A 249 -18.06 27.96 -4.88
N CYS A 250 -18.93 27.40 -5.71
CA CYS A 250 -20.05 28.16 -6.27
C CYS A 250 -20.93 27.24 -7.07
N LYS A 251 -21.58 27.80 -8.08
CA LYS A 251 -22.55 27.09 -8.91
C LYS A 251 -21.89 26.71 -10.22
N THR A 252 -22.26 25.56 -10.77
CA THR A 252 -21.71 25.22 -12.08
C THR A 252 -22.25 26.17 -13.15
N VAL A 253 -21.53 26.29 -14.26
CA VAL A 253 -22.04 26.91 -15.47
C VAL A 253 -21.94 25.89 -16.59
N SER A 254 -23.05 25.67 -17.29
CA SER A 254 -23.09 25.00 -18.58
C SER A 254 -22.87 25.99 -19.73
N SER A 255 -22.88 25.43 -20.96
CA SER A 255 -22.66 26.16 -22.20
C SER A 255 -23.97 26.08 -22.98
N SER A 256 -23.94 26.55 -24.23
CA SER A 256 -25.01 26.27 -25.19
C SER A 256 -24.84 24.95 -25.97
N GLU A 257 -25.97 24.39 -26.44
CA GLU A 257 -26.02 23.09 -27.12
C GLU A 257 -25.57 23.17 -28.60
N VAL A 258 -24.25 23.33 -28.82
CA VAL A 258 -23.72 23.29 -30.20
C VAL A 258 -23.78 21.87 -30.77
N ASN A 259 -23.90 21.77 -32.09
CA ASN A 259 -24.26 20.50 -32.73
C ASN A 259 -23.11 19.51 -32.67
N VAL A 260 -23.45 18.19 -32.58
CA VAL A 260 -22.48 17.07 -32.46
C VAL A 260 -21.23 17.29 -33.28
N CYS A 261 -21.28 17.13 -34.61
CA CYS A 261 -20.02 16.96 -35.35
C CYS A 261 -19.17 18.22 -35.23
N SER A 262 -17.82 18.01 -35.24
CA SER A 262 -16.73 19.03 -35.09
C SER A 262 -15.54 18.41 -34.25
N GLU A 263 -14.48 19.13 -33.80
CA GLU A 263 -14.05 20.54 -33.94
C GLU A 263 -14.95 21.78 -33.59
N PRO A 264 -15.78 21.67 -32.51
CA PRO A 264 -16.85 22.65 -32.30
C PRO A 264 -16.40 23.99 -31.75
N VAL A 265 -17.21 24.97 -32.10
CA VAL A 265 -16.98 26.36 -31.78
C VAL A 265 -17.89 26.73 -30.61
N TRP A 266 -17.39 27.60 -29.73
CA TRP A 266 -18.23 28.20 -28.69
C TRP A 266 -17.90 29.68 -28.54
N LYS A 267 -16.64 30.00 -28.36
CA LYS A 267 -16.24 31.38 -28.06
C LYS A 267 -17.27 32.07 -27.14
N GLN A 268 -17.51 31.51 -25.93
CA GLN A 268 -18.61 31.93 -25.08
C GLN A 268 -18.12 32.09 -23.67
N ARG A 269 -18.29 33.30 -23.11
CA ARG A 269 -17.85 33.61 -21.76
C ARG A 269 -18.67 32.83 -20.75
N LEU A 270 -17.98 32.16 -19.86
CA LEU A 270 -18.59 31.47 -18.74
C LEU A 270 -18.14 32.19 -17.48
N GLU A 271 -19.11 32.67 -16.71
CA GLU A 271 -18.80 33.48 -15.52
C GLU A 271 -19.40 32.82 -14.28
N PHE A 272 -18.59 32.68 -13.24
CA PHE A 272 -19.04 31.98 -12.02
C PHE A 272 -19.21 32.96 -10.85
N ASP A 273 -20.14 32.61 -9.96
CA ASP A 273 -20.52 33.46 -8.84
C ASP A 273 -19.48 33.42 -7.72
N ILE A 274 -18.26 33.82 -8.05
CA ILE A 274 -17.22 33.96 -7.03
C ILE A 274 -16.47 35.19 -7.38
N SER A 275 -16.11 35.96 -6.39
CA SER A 275 -15.14 37.00 -6.62
C SER A 275 -13.76 36.36 -6.80
N VAL A 276 -13.01 36.94 -7.72
CA VAL A 276 -11.67 36.48 -7.99
C VAL A 276 -10.78 36.62 -6.76
N CYS A 277 -10.99 37.63 -5.93
CA CYS A 277 -10.21 37.74 -4.69
C CYS A 277 -10.53 36.59 -3.71
N ASP A 278 -11.47 35.71 -4.07
CA ASP A 278 -11.96 34.66 -3.19
C ASP A 278 -11.72 33.22 -3.68
N LEU A 279 -10.93 33.01 -4.72
CA LEU A 279 -10.48 31.66 -5.02
C LEU A 279 -9.44 31.22 -3.99
N PRO A 280 -9.65 30.10 -3.31
CA PRO A 280 -8.64 29.63 -2.37
C PRO A 280 -7.45 29.10 -3.15
N ARG A 281 -6.30 29.04 -2.48
CA ARG A 281 -5.04 28.74 -3.15
C ARG A 281 -5.10 27.46 -3.99
N MET A 282 -6.07 26.60 -3.72
CA MET A 282 -6.07 25.23 -4.18
C MET A 282 -7.26 24.99 -5.05
N ALA A 283 -7.94 26.06 -5.42
CA ALA A 283 -9.09 26.04 -6.29
C ALA A 283 -8.71 25.38 -7.61
N ARG A 284 -9.64 24.60 -8.16
CA ARG A 284 -9.41 24.07 -9.50
C ARG A 284 -10.66 24.17 -10.36
N LEU A 285 -10.44 24.60 -11.61
CA LEU A 285 -11.50 24.65 -12.58
C LEU A 285 -11.64 23.27 -13.21
N CYS A 286 -12.87 22.76 -13.25
CA CYS A 286 -13.17 21.42 -13.70
C CYS A 286 -14.19 21.41 -14.83
N PHE A 287 -13.84 20.80 -15.95
CA PHE A 287 -14.77 20.71 -17.07
C PHE A 287 -15.35 19.33 -17.27
N ALA A 288 -16.56 19.28 -17.79
CA ALA A 288 -17.12 18.05 -18.32
C ALA A 288 -17.74 18.35 -19.69
N LEU A 289 -17.28 17.63 -20.70
CA LEU A 289 -17.77 17.69 -22.05
C LEU A 289 -18.68 16.47 -22.30
N TYR A 290 -19.96 16.71 -22.57
CA TYR A 290 -20.83 15.60 -22.89
C TYR A 290 -21.73 15.98 -24.06
N ALA A 291 -22.71 15.12 -24.30
CA ALA A 291 -23.50 15.04 -25.52
C ALA A 291 -24.93 14.79 -25.14
N VAL A 292 -25.85 15.49 -25.80
CA VAL A 292 -27.25 15.34 -25.43
C VAL A 292 -28.14 15.46 -26.65
N VAL A 293 -29.34 14.88 -26.49
CA VAL A 293 -30.52 15.10 -27.31
C VAL A 293 -31.24 16.42 -26.89
N CYS A 311 -25.12 11.55 -22.62
CA CYS A 311 -23.98 10.65 -22.87
C CYS A 311 -22.66 11.39 -22.71
N PRO A 312 -21.82 10.90 -21.81
CA PRO A 312 -20.61 11.65 -21.46
C PRO A 312 -19.48 11.30 -22.39
N ILE A 313 -18.54 12.21 -22.48
CA ILE A 313 -17.50 12.13 -23.50
C ILE A 313 -16.16 12.27 -22.81
N ALA A 314 -15.87 13.43 -22.24
CA ALA A 314 -14.56 13.69 -21.69
C ALA A 314 -14.68 14.57 -20.45
N TRP A 315 -13.70 14.46 -19.55
CA TRP A 315 -13.59 15.37 -18.41
C TRP A 315 -12.21 16.02 -18.39
N ALA A 316 -12.07 17.17 -17.73
CA ALA A 316 -10.72 17.77 -17.58
C ALA A 316 -10.69 18.83 -16.49
N ASN A 317 -9.55 18.91 -15.72
CA ASN A 317 -9.40 19.84 -14.61
C ASN A 317 -8.07 20.58 -14.62
N LEU A 318 -8.03 21.78 -14.01
CA LEU A 318 -6.76 22.45 -13.82
C LEU A 318 -6.79 23.39 -12.63
N MET A 319 -5.61 23.70 -12.13
CA MET A 319 -5.53 24.67 -11.06
C MET A 319 -5.69 26.03 -11.70
N LEU A 320 -6.44 26.92 -11.04
CA LEU A 320 -6.31 28.33 -11.35
C LEU A 320 -5.07 28.93 -10.80
N PHE A 321 -4.19 28.19 -10.18
CA PHE A 321 -2.93 28.80 -9.81
C PHE A 321 -1.84 27.90 -10.31
N ASP A 322 -0.78 28.51 -10.80
CA ASP A 322 0.34 27.68 -11.24
C ASP A 322 0.98 27.10 -10.00
N TYR A 323 2.12 26.45 -10.20
CA TYR A 323 2.88 25.91 -9.07
C TYR A 323 3.79 26.93 -8.46
N LYS A 324 3.72 28.17 -8.90
CA LYS A 324 4.39 29.26 -8.20
C LYS A 324 3.39 30.22 -7.58
N ASP A 325 2.10 29.83 -7.54
CA ASP A 325 1.04 30.56 -6.89
C ASP A 325 0.51 31.70 -7.75
N GLN A 326 0.82 31.66 -9.02
CA GLN A 326 0.44 32.73 -9.91
C GLN A 326 -0.88 32.37 -10.56
N LEU A 327 -1.87 33.21 -10.35
CA LEU A 327 -3.16 33.00 -10.99
C LEU A 327 -2.89 33.07 -12.48
N LYS A 328 -3.41 32.09 -13.19
CA LYS A 328 -2.88 31.85 -14.51
C LYS A 328 -3.81 32.54 -15.47
N THR A 329 -3.23 33.31 -16.40
CA THR A 329 -4.04 34.20 -17.23
C THR A 329 -3.71 33.92 -18.67
N GLY A 330 -4.66 33.45 -19.42
CA GLY A 330 -4.26 33.21 -20.80
C GLY A 330 -5.16 32.20 -21.50
N GLU A 331 -4.55 31.53 -22.49
CA GLU A 331 -5.21 30.47 -23.26
C GLU A 331 -4.53 29.12 -22.94
N ARG A 332 -5.30 28.15 -22.50
CA ARG A 332 -4.78 26.84 -22.23
C ARG A 332 -5.60 25.89 -23.08
N CYS A 333 -4.94 24.83 -23.55
CA CYS A 333 -5.56 23.76 -24.31
C CYS A 333 -5.66 22.53 -23.43
N LEU A 334 -6.82 21.92 -23.37
CA LEU A 334 -7.07 20.94 -22.33
C LEU A 334 -7.39 19.58 -22.94
N TYR A 335 -6.33 18.76 -23.05
CA TYR A 335 -6.45 17.39 -23.51
C TYR A 335 -7.23 16.57 -22.51
N MET A 336 -8.37 16.07 -22.93
CA MET A 336 -9.37 15.56 -22.02
C MET A 336 -9.26 14.06 -21.86
N TRP A 337 -9.68 13.61 -20.67
CA TRP A 337 -9.77 12.21 -20.27
C TRP A 337 -11.14 11.64 -20.66
N PRO A 338 -11.27 10.35 -20.95
CA PRO A 338 -12.59 9.77 -21.24
C PRO A 338 -13.38 9.59 -19.96
N SER A 339 -14.67 9.23 -20.08
CA SER A 339 -15.60 9.54 -18.99
C SER A 339 -16.47 8.39 -18.52
N VAL A 340 -16.27 8.01 -17.24
CA VAL A 340 -17.19 7.19 -16.42
C VAL A 340 -17.47 5.84 -17.05
N LEU A 347 -21.08 14.03 -13.49
CA LEU A 347 -20.27 13.91 -14.69
C LEU A 347 -19.01 14.73 -14.50
N LEU A 348 -19.06 15.78 -13.70
CA LEU A 348 -17.78 16.42 -13.38
C LEU A 348 -16.96 15.49 -12.47
N ASN A 349 -15.65 15.78 -12.41
CA ASN A 349 -14.72 14.86 -11.78
C ASN A 349 -13.62 15.59 -11.02
N PRO A 350 -13.96 16.24 -9.89
CA PRO A 350 -12.98 17.16 -9.29
C PRO A 350 -11.77 16.46 -8.72
N ALA A 351 -11.90 15.19 -8.33
CA ALA A 351 -10.77 14.42 -7.80
C ALA A 351 -9.75 13.98 -8.87
N GLY A 352 -10.14 13.85 -10.14
CA GLY A 352 -9.21 13.37 -11.13
C GLY A 352 -8.09 14.35 -11.30
N THR A 353 -7.04 13.91 -11.98
CA THR A 353 -5.80 14.67 -12.11
C THR A 353 -6.03 16.06 -12.74
N VAL A 354 -5.13 17.00 -12.38
CA VAL A 354 -5.01 18.36 -12.93
C VAL A 354 -3.96 18.44 -14.05
N ARG A 355 -3.41 17.32 -14.50
CA ARG A 355 -2.55 17.37 -15.65
C ARG A 355 -3.29 16.70 -16.82
N GLY A 356 -3.00 17.15 -18.04
CA GLY A 356 -3.83 16.74 -19.16
C GLY A 356 -3.52 15.35 -19.72
N ASN A 357 -4.47 14.84 -20.47
CA ASN A 357 -4.28 13.56 -21.11
C ASN A 357 -3.10 13.58 -22.08
N PRO A 358 -2.07 12.74 -21.86
CA PRO A 358 -0.86 12.91 -22.67
C PRO A 358 -0.97 12.26 -24.03
N ASN A 359 -1.99 11.44 -24.31
CA ASN A 359 -2.13 10.97 -25.67
C ASN A 359 -2.78 12.07 -26.50
N THR A 360 -1.96 13.08 -26.84
CA THR A 360 -2.38 14.19 -27.68
C THR A 360 -2.81 13.76 -29.06
N GLU A 361 -2.64 12.50 -29.44
CA GLU A 361 -3.14 12.12 -30.75
C GLU A 361 -4.63 11.79 -30.75
N SER A 362 -5.22 11.38 -29.64
CA SER A 362 -6.65 11.09 -29.72
C SER A 362 -7.45 11.68 -28.58
N ALA A 363 -6.80 12.46 -27.73
CA ALA A 363 -7.48 13.18 -26.66
C ALA A 363 -8.34 14.31 -27.27
N ALA A 364 -9.66 14.29 -27.00
CA ALA A 364 -10.45 15.51 -27.22
C ALA A 364 -9.74 16.68 -26.54
N ALA A 365 -9.51 17.77 -27.29
CA ALA A 365 -8.95 18.99 -26.70
C ALA A 365 -10.08 20.00 -26.49
N LEU A 366 -10.12 20.63 -25.31
CA LEU A 366 -11.04 21.72 -24.99
C LEU A 366 -10.19 22.96 -24.77
N VAL A 367 -10.36 24.00 -25.61
CA VAL A 367 -9.49 25.18 -25.55
C VAL A 367 -10.29 26.32 -24.93
N ILE A 368 -9.60 27.22 -24.23
CA ILE A 368 -10.26 28.05 -23.24
C ILE A 368 -9.40 29.28 -22.97
N TYR A 369 -10.02 30.33 -22.43
CA TYR A 369 -9.27 31.53 -22.16
C TYR A 369 -9.38 31.93 -20.71
N LEU A 370 -8.24 32.32 -20.13
CA LEU A 370 -8.24 32.73 -18.73
C LEU A 370 -8.14 34.23 -18.71
N PRO A 371 -9.26 34.95 -18.60
CA PRO A 371 -9.23 36.42 -18.47
C PRO A 371 -8.17 36.98 -17.55
N GLU A 372 -7.17 37.66 -18.13
CA GLU A 372 -6.21 38.41 -17.33
C GLU A 372 -6.94 39.48 -16.58
N VAL A 373 -6.28 40.08 -15.63
CA VAL A 373 -7.08 40.77 -14.65
C VAL A 373 -6.28 41.96 -14.16
N ALA A 374 -5.12 42.18 -14.78
CA ALA A 374 -4.26 43.30 -14.43
C ALA A 374 -2.99 43.37 -15.27
N PRO A 377 -0.56 40.79 -13.06
CA PRO A 377 0.35 39.75 -12.52
C PRO A 377 0.18 39.49 -10.99
N VAL A 378 -0.76 38.58 -10.69
CA VAL A 378 -1.27 38.40 -9.33
C VAL A 378 -0.88 37.03 -8.78
N TYR A 379 0.05 37.01 -7.82
CA TYR A 379 0.34 35.80 -7.04
C TYR A 379 -0.50 35.70 -5.78
N PHE A 380 -0.97 34.48 -5.48
CA PHE A 380 -1.75 34.25 -4.29
C PHE A 380 -1.00 34.77 -3.05
N PRO A 381 -1.69 35.46 -2.13
CA PRO A 381 -0.99 36.10 -1.01
C PRO A 381 -0.06 35.14 -0.31
N ALA A 382 1.14 35.62 0.03
CA ALA A 382 2.02 34.99 1.01
C ALA A 382 1.33 34.62 2.33
N LEU A 383 1.96 33.73 3.10
CA LEU A 383 1.38 33.30 4.38
C LEU A 383 1.29 34.48 5.37
N GLU A 384 2.21 35.42 5.26
CA GLU A 384 2.33 36.45 6.27
C GLU A 384 1.17 37.43 6.14
N LYS A 385 0.89 37.88 4.92
CA LYS A 385 -0.37 38.60 4.73
C LYS A 385 -1.49 37.85 5.42
N ILE A 386 -1.68 36.59 4.99
CA ILE A 386 -2.90 35.84 5.33
C ILE A 386 -3.11 35.83 6.83
N LEU A 387 -2.00 35.88 7.58
CA LEU A 387 -2.09 35.73 9.02
C LEU A 387 -2.57 37.02 9.66
N GLU A 388 -2.20 38.17 9.06
CA GLU A 388 -2.74 39.46 9.49
C GLU A 388 -4.24 39.48 9.52
N LEU A 389 -4.86 38.61 8.76
CA LEU A 389 -6.24 38.69 8.45
C LEU A 389 -7.11 37.67 9.22
N TYR A 418 -26.64 19.51 9.42
CA TYR A 418 -27.62 20.59 9.40
C TYR A 418 -26.87 21.91 9.50
N GLU A 419 -27.27 22.92 8.67
CA GLU A 419 -26.50 24.14 8.51
C GLU A 419 -26.41 24.94 9.80
N HIS A 420 -27.48 25.01 10.60
CA HIS A 420 -27.35 25.72 11.88
C HIS A 420 -26.22 25.14 12.72
N GLU A 421 -25.98 23.82 12.60
CA GLU A 421 -24.85 23.14 13.24
C GLU A 421 -23.52 23.56 12.65
N LYS A 422 -23.41 23.64 11.32
CA LYS A 422 -22.16 24.18 10.80
C LYS A 422 -21.85 25.54 11.39
N ASP A 423 -22.88 26.40 11.50
CA ASP A 423 -22.65 27.80 11.89
C ASP A 423 -22.24 27.87 13.35
N LEU A 424 -22.91 27.10 14.15
CA LEU A 424 -22.29 26.92 15.43
C LEU A 424 -21.26 25.76 15.44
N VAL A 425 -20.31 25.71 14.48
CA VAL A 425 -18.95 25.18 14.72
C VAL A 425 -17.98 26.26 14.27
N TRP A 426 -18.28 26.96 13.16
CA TRP A 426 -17.48 28.12 12.77
C TRP A 426 -17.34 29.11 13.94
N LYS A 427 -18.41 29.80 14.37
CA LYS A 427 -18.79 29.85 15.80
C LYS A 427 -17.66 30.06 16.81
N MET A 428 -17.52 29.24 17.80
CA MET A 428 -16.31 29.10 18.62
C MET A 428 -15.32 28.27 17.82
N ARG A 429 -14.79 28.78 16.70
CA ARG A 429 -13.56 28.27 16.16
C ARG A 429 -12.55 28.04 17.28
N HIS A 430 -12.44 29.02 18.17
CA HIS A 430 -11.43 29.04 19.22
C HIS A 430 -11.69 27.97 20.30
N GLU A 431 -12.94 27.82 20.72
CA GLU A 431 -13.18 26.84 21.74
C GLU A 431 -12.85 25.45 21.22
N VAL A 432 -13.13 25.20 19.94
CA VAL A 432 -12.74 23.95 19.30
C VAL A 432 -11.23 23.77 19.35
N GLN A 433 -10.47 24.77 18.91
CA GLN A 433 -9.03 24.68 19.08
C GLN A 433 -8.64 24.50 20.55
N GLU A 434 -9.25 25.29 21.45
CA GLU A 434 -8.87 25.25 22.87
C GLU A 434 -9.23 23.91 23.51
N HIS A 435 -10.42 23.41 23.23
CA HIS A 435 -10.90 22.29 23.99
C HIS A 435 -11.09 21.04 23.15
N PHE A 436 -11.09 21.14 21.83
CA PHE A 436 -11.27 19.97 20.96
C PHE A 436 -10.24 19.92 19.84
N PRO A 437 -8.95 19.95 20.19
CA PRO A 437 -7.90 20.01 19.14
C PRO A 437 -8.12 19.00 17.99
N GLU A 438 -8.44 17.75 18.31
CA GLU A 438 -8.63 16.73 17.28
C GLU A 438 -9.93 16.89 16.46
N ALA A 439 -10.81 17.86 16.75
CA ALA A 439 -11.99 18.04 15.90
C ALA A 439 -11.69 18.92 14.68
N LEU A 440 -10.43 19.38 14.57
CA LEU A 440 -9.88 20.13 13.44
C LEU A 440 -10.59 19.84 12.15
N ALA A 441 -10.47 18.57 11.75
CA ALA A 441 -11.18 18.08 10.59
C ALA A 441 -12.57 18.70 10.41
N ARG A 442 -13.44 18.65 11.45
CA ARG A 442 -14.79 19.06 11.10
C ARG A 442 -14.99 20.58 11.22
N LEU A 443 -14.06 21.28 11.86
CA LEU A 443 -14.02 22.72 11.67
C LEU A 443 -13.62 23.09 10.24
N LEU A 444 -12.63 22.35 9.66
CA LEU A 444 -12.24 22.58 8.25
C LEU A 444 -13.37 22.28 7.29
N LEU A 445 -14.22 21.30 7.58
CA LEU A 445 -15.42 21.08 6.80
C LEU A 445 -16.52 22.15 6.98
N VAL A 446 -16.47 23.02 8.00
CA VAL A 446 -17.53 24.02 8.03
C VAL A 446 -17.06 25.34 7.46
N THR A 447 -15.76 25.63 7.55
CA THR A 447 -15.12 26.78 6.93
C THR A 447 -15.68 27.13 5.59
N LYS A 448 -16.07 28.39 5.42
CA LYS A 448 -16.44 28.84 4.08
C LYS A 448 -15.14 29.07 3.28
N TRP A 449 -14.82 28.14 2.37
CA TRP A 449 -13.57 28.27 1.60
C TRP A 449 -13.66 29.27 0.42
N ASN A 450 -14.86 29.56 -0.11
CA ASN A 450 -14.93 30.61 -1.11
C ASN A 450 -14.69 32.01 -0.52
N LYS A 451 -14.79 32.21 0.81
CA LYS A 451 -14.59 33.54 1.40
C LYS A 451 -13.17 33.67 1.92
N HIS A 452 -12.40 34.59 1.33
CA HIS A 452 -10.98 34.60 1.66
C HIS A 452 -10.71 35.04 3.08
N GLU A 453 -11.64 35.75 3.73
CA GLU A 453 -11.44 36.06 5.14
C GLU A 453 -11.74 34.85 6.03
N ASP A 454 -12.87 34.16 5.77
CA ASP A 454 -13.14 32.89 6.43
C ASP A 454 -11.92 31.96 6.41
N VAL A 455 -11.09 32.06 5.36
CA VAL A 455 -9.96 31.19 5.20
C VAL A 455 -8.73 31.76 5.91
N ALA A 456 -8.50 33.08 5.85
CA ALA A 456 -7.39 33.63 6.64
C ALA A 456 -7.57 33.36 8.13
N GLN A 457 -8.80 33.44 8.62
CA GLN A 457 -9.05 33.26 10.05
C GLN A 457 -8.79 31.82 10.48
N MET A 458 -9.49 30.88 9.82
CA MET A 458 -9.24 29.45 9.99
C MET A 458 -7.75 29.13 9.83
N LEU A 459 -7.18 29.44 8.67
CA LEU A 459 -5.76 29.25 8.44
C LEU A 459 -4.91 29.96 9.48
N TYR A 460 -5.48 30.93 10.18
CA TYR A 460 -4.69 31.57 11.23
C TYR A 460 -4.63 30.71 12.51
N LEU A 461 -5.76 30.11 12.88
CA LEU A 461 -5.78 29.20 14.02
C LEU A 461 -4.90 28.00 13.76
N LEU A 462 -4.95 27.50 12.52
CA LEU A 462 -4.19 26.31 12.21
C LEU A 462 -2.69 26.51 12.37
N CYS A 463 -2.19 27.75 12.29
CA CYS A 463 -0.76 27.89 12.56
C CYS A 463 -0.44 27.79 14.05
N SER A 464 -1.47 27.76 14.90
CA SER A 464 -1.34 27.56 16.32
C SER A 464 -1.89 26.24 16.79
N TRP A 465 -2.37 25.39 15.87
CA TRP A 465 -3.07 24.17 16.27
C TRP A 465 -2.08 23.22 16.92
N PRO A 466 -2.39 22.65 18.09
CA PRO A 466 -1.53 21.60 18.64
C PRO A 466 -1.50 20.38 17.71
N GLU A 467 -0.32 19.73 17.63
CA GLU A 467 -0.18 18.57 16.75
C GLU A 467 -1.19 17.47 17.07
N LEU A 468 -1.47 16.65 16.09
CA LEU A 468 -2.53 15.69 16.25
C LEU A 468 -2.04 14.24 16.25
N PRO A 469 -2.82 13.37 16.85
CA PRO A 469 -2.53 11.96 16.77
C PRO A 469 -2.53 11.48 15.32
N VAL A 470 -1.72 10.44 15.07
CA VAL A 470 -1.60 9.87 13.74
C VAL A 470 -2.97 9.56 13.13
N LEU A 471 -3.86 8.98 13.94
CA LEU A 471 -5.17 8.62 13.40
C LEU A 471 -5.83 9.84 12.74
N SER A 472 -5.62 11.02 13.32
CA SER A 472 -6.36 12.19 12.90
C SER A 472 -5.76 12.76 11.65
N ALA A 473 -4.42 12.72 11.59
CA ALA A 473 -3.72 13.10 10.37
C ALA A 473 -4.05 12.16 9.22
N LEU A 474 -4.24 10.85 9.51
CA LEU A 474 -4.59 9.95 8.41
C LEU A 474 -5.93 10.33 7.83
N GLU A 475 -6.70 11.14 8.56
CA GLU A 475 -7.96 11.64 8.00
C GLU A 475 -7.72 12.92 7.26
N LEU A 476 -6.84 13.77 7.75
CA LEU A 476 -6.56 15.02 7.07
C LEU A 476 -5.93 14.84 5.67
N LEU A 477 -5.19 13.76 5.41
CA LEU A 477 -4.53 13.55 4.11
C LEU A 477 -5.53 13.41 2.99
N ASP A 478 -6.80 13.30 3.31
CA ASP A 478 -7.74 12.90 2.31
C ASP A 478 -8.05 14.08 1.37
N PHE A 479 -8.82 13.79 0.32
CA PHE A 479 -8.97 14.74 -0.75
C PHE A 479 -9.95 15.87 -0.38
N SER A 480 -10.89 15.57 0.49
CA SER A 480 -11.73 16.62 0.98
C SER A 480 -11.04 17.40 2.06
N PHE A 481 -9.71 17.44 2.05
CA PHE A 481 -8.92 18.46 2.77
C PHE A 481 -7.89 18.92 1.78
N PRO A 482 -8.36 19.55 0.71
CA PRO A 482 -7.45 19.93 -0.34
C PRO A 482 -6.43 20.98 0.04
N ASP A 483 -6.65 21.82 1.04
CA ASP A 483 -5.79 22.99 1.17
C ASP A 483 -4.34 22.61 1.51
N CYS A 484 -3.40 23.20 0.78
CA CYS A 484 -2.02 22.76 1.00
C CYS A 484 -1.51 23.08 2.38
N TYR A 485 -2.13 24.00 3.12
CA TYR A 485 -1.55 24.29 4.43
C TYR A 485 -1.95 23.18 5.40
N VAL A 486 -3.20 22.71 5.27
CA VAL A 486 -3.66 21.58 6.07
C VAL A 486 -2.89 20.32 5.72
N GLY A 487 -2.63 20.10 4.40
CA GLY A 487 -1.75 19.03 4.01
C GLY A 487 -0.40 19.11 4.70
N SER A 488 0.19 20.29 4.76
CA SER A 488 1.42 20.42 5.53
C SER A 488 1.19 20.04 6.99
N PHE A 489 0.09 20.51 7.55
CA PHE A 489 -0.16 20.27 8.95
C PHE A 489 -0.21 18.78 9.19
N ALA A 490 -0.98 18.09 8.35
CA ALA A 490 -1.10 16.65 8.41
C ALA A 490 0.25 15.99 8.32
N ILE A 491 1.09 16.40 7.35
CA ILE A 491 2.40 15.79 7.25
C ILE A 491 3.16 16.02 8.54
N LYS A 492 3.09 17.23 9.08
CA LYS A 492 3.83 17.48 10.32
C LYS A 492 3.37 16.55 11.43
N SER A 493 2.08 16.29 11.53
CA SER A 493 1.67 15.28 12.47
C SER A 493 2.13 13.87 12.12
N LEU A 494 2.81 13.66 10.99
CA LEU A 494 3.16 12.30 10.59
C LEU A 494 4.64 12.02 10.69
N ARG A 495 5.44 13.02 11.01
CA ARG A 495 6.86 12.79 11.25
C ARG A 495 7.12 11.94 12.47
N LYS A 496 6.14 11.73 13.33
CA LYS A 496 6.39 10.93 14.52
C LYS A 496 6.06 9.47 14.31
N LEU A 497 5.38 9.15 13.22
CA LEU A 497 5.20 7.80 12.72
C LEU A 497 6.47 6.99 12.85
N THR A 498 6.40 5.91 13.61
CA THR A 498 7.55 5.01 13.59
C THR A 498 7.70 4.45 12.19
N ASP A 499 8.90 3.99 11.91
CA ASP A 499 9.12 3.27 10.66
C ASP A 499 8.27 2.02 10.53
N ASP A 500 7.89 1.38 11.61
CA ASP A 500 7.00 0.25 11.48
C ASP A 500 5.60 0.70 11.16
N GLU A 501 5.18 1.84 11.70
CA GLU A 501 3.88 2.39 11.34
C GLU A 501 3.87 2.93 9.93
N LEU A 502 4.93 3.63 9.55
CA LEU A 502 4.99 4.10 8.18
C LEU A 502 4.82 2.94 7.22
N PHE A 503 5.40 1.79 7.58
CA PHE A 503 5.46 0.71 6.63
C PHE A 503 4.07 0.14 6.46
N GLN A 504 3.32 0.18 7.55
CA GLN A 504 1.98 -0.37 7.54
C GLN A 504 1.06 0.53 6.76
N TYR A 505 1.23 1.84 6.87
CA TYR A 505 0.34 2.76 6.18
C TYR A 505 0.84 3.12 4.80
N LEU A 506 2.01 2.60 4.40
CA LEU A 506 2.75 3.14 3.26
C LEU A 506 1.94 3.08 1.97
N LEU A 507 1.13 2.04 1.80
CA LEU A 507 0.40 1.91 0.55
C LEU A 507 -0.59 3.03 0.39
N GLN A 508 -1.27 3.40 1.50
CA GLN A 508 -2.22 4.48 1.45
C GLN A 508 -1.51 5.78 1.12
N LEU A 509 -0.37 6.05 1.76
CA LEU A 509 0.30 7.32 1.51
C LEU A 509 0.70 7.44 0.05
N VAL A 510 1.00 6.30 -0.58
CA VAL A 510 1.31 6.32 -1.98
C VAL A 510 0.05 6.69 -2.78
N GLN A 511 -1.04 6.01 -2.54
CA GLN A 511 -2.24 6.29 -3.30
C GLN A 511 -2.70 7.74 -3.14
N VAL A 512 -2.49 8.34 -1.96
CA VAL A 512 -2.84 9.74 -1.72
C VAL A 512 -2.06 10.68 -2.62
N LEU A 513 -0.88 10.27 -3.10
CA LEU A 513 -0.12 11.06 -4.07
C LEU A 513 -0.94 11.36 -5.31
N LYS A 514 -1.92 10.54 -5.61
CA LYS A 514 -2.68 10.85 -6.80
C LYS A 514 -3.61 12.03 -6.62
N TYR A 515 -3.80 12.47 -5.39
CA TYR A 515 -4.71 13.59 -5.16
C TYR A 515 -3.98 14.93 -5.25
N GLU A 516 -2.69 14.95 -5.05
CA GLU A 516 -1.90 16.15 -5.10
C GLU A 516 -2.14 16.98 -6.35
N SER A 517 -1.83 18.24 -6.26
CA SER A 517 -2.06 19.11 -7.40
C SER A 517 -0.79 19.50 -8.08
N TYR A 518 0.35 19.48 -7.37
CA TYR A 518 1.65 19.80 -7.96
C TYR A 518 2.65 18.65 -7.74
N LEU A 519 3.78 18.77 -8.42
CA LEU A 519 4.78 17.70 -8.30
C LEU A 519 5.59 17.83 -6.99
N ASP A 520 5.97 19.05 -6.61
CA ASP A 520 6.69 19.31 -5.37
C ASP A 520 5.71 19.52 -4.21
N CYS A 521 5.70 18.59 -3.26
CA CYS A 521 4.74 18.63 -2.18
C CYS A 521 5.41 18.02 -0.97
N GLU A 522 4.91 18.41 0.23
CA GLU A 522 5.42 17.89 1.49
C GLU A 522 5.36 16.38 1.50
N LEU A 523 4.25 15.85 0.99
CA LEU A 523 4.06 14.41 0.94
C LEU A 523 5.22 13.76 0.22
N THR A 524 5.57 14.26 -0.95
CA THR A 524 6.61 13.59 -1.70
C THR A 524 7.93 13.73 -0.98
N LYS A 525 8.20 14.91 -0.42
CA LYS A 525 9.48 15.05 0.25
C LYS A 525 9.53 14.18 1.52
N PHE A 526 8.39 13.98 2.20
CA PHE A 526 8.37 13.15 3.38
C PHE A 526 8.67 11.68 3.04
N LEU A 527 7.93 11.12 2.08
CA LEU A 527 8.28 9.78 1.64
C LEU A 527 9.76 9.69 1.24
N LEU A 528 10.26 10.63 0.43
CA LEU A 528 11.60 10.44 -0.11
C LEU A 528 12.59 10.44 0.99
N GLY A 529 12.47 11.40 1.87
CA GLY A 529 13.15 11.41 3.14
C GLY A 529 13.12 10.10 3.89
N ARG A 530 11.93 9.61 4.24
CA ARG A 530 11.85 8.32 4.89
C ARG A 530 12.42 7.20 3.99
N ALA A 531 12.12 7.22 2.68
CA ALA A 531 12.61 6.16 1.82
C ALA A 531 14.11 6.09 1.89
N LEU A 532 14.74 7.24 1.93
CA LEU A 532 16.20 7.30 1.89
C LEU A 532 16.81 7.10 3.25
N ALA A 533 15.98 7.04 4.30
CA ALA A 533 16.52 6.79 5.62
C ALA A 533 16.29 5.37 6.10
N ASN A 534 15.44 4.61 5.43
CA ASN A 534 15.21 3.22 5.72
C ASN A 534 15.17 2.48 4.40
N ARG A 535 16.02 1.48 4.21
CA ARG A 535 16.10 0.92 2.87
C ARG A 535 14.90 0.02 2.58
N LYS A 536 14.30 -0.54 3.61
CA LYS A 536 13.10 -1.29 3.39
C LYS A 536 11.93 -0.36 3.04
N ILE A 537 11.92 0.87 3.56
CA ILE A 537 10.94 1.86 3.10
C ILE A 537 11.16 2.14 1.64
N GLY A 538 12.38 2.57 1.33
CA GLY A 538 12.74 2.82 -0.07
C GLY A 538 12.42 1.66 -0.97
N HIS A 539 12.68 0.43 -0.53
CA HIS A 539 12.37 -0.71 -1.39
C HIS A 539 10.90 -0.73 -1.80
N PHE A 540 9.99 -0.58 -0.80
CA PHE A 540 8.57 -0.66 -1.10
C PHE A 540 8.04 0.60 -1.74
N LEU A 541 8.53 1.76 -1.36
CA LEU A 541 8.08 2.90 -2.13
C LEU A 541 8.38 2.65 -3.60
N PHE A 542 9.57 2.18 -3.91
CA PHE A 542 9.92 1.92 -5.31
C PHE A 542 8.91 1.00 -5.98
N TRP A 543 8.57 -0.11 -5.37
CA TRP A 543 7.73 -1.03 -6.14
C TRP A 543 6.32 -0.51 -6.27
N HIS A 544 5.79 0.15 -5.23
CA HIS A 544 4.50 0.81 -5.39
C HIS A 544 4.51 1.82 -6.54
N LEU A 545 5.46 2.76 -6.58
CA LEU A 545 5.58 3.63 -7.74
C LEU A 545 5.77 2.83 -9.03
N ARG A 546 6.73 1.89 -9.04
CA ARG A 546 7.09 1.27 -10.32
C ARG A 546 5.91 0.54 -10.92
N SER A 547 5.11 -0.10 -10.06
CA SER A 547 3.98 -0.95 -10.46
C SER A 547 2.86 -0.20 -11.17
N GLU A 548 2.85 1.12 -11.08
CA GLU A 548 1.80 1.84 -11.80
C GLU A 548 2.33 2.66 -12.98
N MET A 549 3.60 2.50 -13.37
CA MET A 549 4.12 3.34 -14.43
C MET A 549 3.38 3.16 -15.77
N HIS A 550 2.52 2.16 -15.88
CA HIS A 550 1.75 1.94 -17.07
C HIS A 550 0.44 2.72 -17.00
N VAL A 551 0.20 3.46 -15.92
CA VAL A 551 -1.05 4.21 -15.77
C VAL A 551 -0.81 5.63 -16.26
N PRO A 552 -1.37 6.03 -17.44
CA PRO A 552 -1.25 7.40 -17.98
C PRO A 552 -1.27 8.54 -16.96
N SER A 553 -2.37 8.62 -16.16
CA SER A 553 -2.56 9.64 -15.12
C SER A 553 -1.31 9.87 -14.26
N VAL A 554 -0.65 8.80 -13.82
CA VAL A 554 0.40 8.96 -12.81
C VAL A 554 1.79 8.71 -13.33
N ALA A 555 1.96 8.23 -14.56
CA ALA A 555 3.30 7.78 -14.95
C ALA A 555 4.38 8.84 -14.71
N LEU A 556 4.10 10.10 -15.06
CA LEU A 556 5.09 11.18 -14.94
C LEU A 556 5.50 11.42 -13.49
N ARG A 557 4.52 11.51 -12.58
CA ARG A 557 4.84 11.85 -11.20
C ARG A 557 5.61 10.71 -10.54
N PHE A 558 5.04 9.51 -10.62
CA PHE A 558 5.73 8.33 -10.09
C PHE A 558 7.12 8.19 -10.73
N GLY A 559 7.24 8.37 -12.06
CA GLY A 559 8.56 8.32 -12.68
C GLY A 559 9.53 9.31 -12.09
N LEU A 560 9.11 10.56 -12.00
CA LEU A 560 9.91 11.60 -11.39
C LEU A 560 10.37 11.25 -9.98
N ILE A 561 9.48 10.64 -9.15
CA ILE A 561 9.87 10.30 -7.76
C ILE A 561 10.91 9.16 -7.73
N MET A 562 10.65 8.06 -8.47
CA MET A 562 11.66 7.00 -8.60
C MET A 562 12.97 7.59 -9.08
N GLU A 563 12.93 8.74 -9.74
CA GLU A 563 14.21 9.22 -10.22
C GLU A 563 15.03 9.89 -9.13
N ALA A 564 14.36 10.74 -8.33
CA ALA A 564 15.00 11.38 -7.20
C ALA A 564 15.52 10.34 -6.24
N TYR A 565 14.70 9.31 -5.96
CA TYR A 565 15.15 8.26 -5.06
C TYR A 565 16.42 7.58 -5.57
N CYS A 566 16.49 7.34 -6.90
CA CYS A 566 17.69 6.72 -7.47
C CYS A 566 18.93 7.58 -7.32
N ARG A 567 18.75 8.90 -7.28
CA ARG A 567 19.96 9.68 -6.97
C ARG A 567 20.25 9.72 -5.49
N GLY A 568 19.34 9.21 -4.65
CA GLY A 568 19.64 8.97 -3.25
C GLY A 568 20.42 7.68 -2.96
N SER A 569 20.14 6.55 -3.63
CA SER A 569 21.04 5.41 -3.53
C SER A 569 21.24 4.92 -4.95
N THR A 570 22.33 5.39 -5.54
CA THR A 570 22.87 4.75 -6.74
C THR A 570 23.19 3.29 -6.49
N HIS A 571 23.48 2.92 -5.24
CA HIS A 571 23.62 1.51 -4.91
C HIS A 571 22.29 0.75 -4.93
N HIS A 572 21.24 1.31 -4.36
CA HIS A 572 20.02 0.52 -4.27
C HIS A 572 19.38 0.30 -5.63
N MET A 573 19.45 1.31 -6.51
CA MET A 573 19.08 1.18 -7.91
C MET A 573 19.64 -0.09 -8.56
N LYS A 574 20.93 -0.36 -8.36
CA LYS A 574 21.51 -1.53 -8.98
C LYS A 574 20.97 -2.82 -8.40
N VAL A 575 20.66 -2.82 -7.11
CA VAL A 575 19.94 -3.95 -6.54
C VAL A 575 18.54 -4.06 -7.11
N LEU A 576 17.92 -2.92 -7.48
CA LEU A 576 16.54 -3.04 -7.93
C LEU A 576 16.51 -3.45 -9.38
N MET A 577 17.43 -2.89 -10.18
CA MET A 577 17.64 -3.42 -11.54
C MET A 577 17.68 -4.92 -11.53
N LYS A 578 18.52 -5.47 -10.64
CA LYS A 578 18.63 -6.91 -10.49
C LYS A 578 17.26 -7.55 -10.33
N GLN A 579 16.43 -7.06 -9.37
CA GLN A 579 15.05 -7.56 -9.23
C GLN A 579 14.24 -7.40 -10.53
N GLY A 580 14.45 -6.28 -11.24
CA GLY A 580 13.66 -6.05 -12.43
C GLY A 580 13.98 -7.03 -13.53
N GLU A 581 15.27 -7.37 -13.67
CA GLU A 581 15.70 -8.32 -14.70
C GLU A 581 15.09 -9.70 -14.45
N ALA A 582 15.16 -10.18 -13.22
CA ALA A 582 14.42 -11.40 -12.91
C ALA A 582 12.92 -11.27 -13.26
N LEU A 583 12.27 -10.17 -12.81
CA LEU A 583 10.83 -10.01 -13.07
C LEU A 583 10.53 -10.03 -14.56
N SER A 584 11.51 -9.52 -15.34
CA SER A 584 11.49 -9.52 -16.78
C SER A 584 11.64 -10.92 -17.38
N LYS A 585 12.59 -11.74 -16.89
CA LYS A 585 12.66 -13.11 -17.44
C LYS A 585 11.50 -13.97 -16.95
N LEU A 586 10.90 -13.68 -15.79
CA LEU A 586 9.67 -14.41 -15.41
C LEU A 586 8.51 -14.09 -16.37
N LYS A 587 8.41 -12.84 -16.83
CA LYS A 587 7.41 -12.54 -17.80
C LYS A 587 7.62 -13.38 -19.08
N ALA A 588 8.84 -13.34 -19.66
CA ALA A 588 9.08 -14.10 -20.90
C ALA A 588 8.71 -15.58 -20.71
N LEU A 589 9.06 -16.10 -19.53
CA LEU A 589 8.94 -17.53 -19.22
C LEU A 589 7.48 -17.96 -19.19
N ASN A 590 6.69 -17.19 -18.46
CA ASN A 590 5.26 -17.37 -18.45
C ASN A 590 4.66 -17.27 -19.85
N ASP A 591 5.14 -16.30 -20.64
CA ASP A 591 4.60 -16.15 -21.98
C ASP A 591 4.91 -17.38 -22.80
N PHE A 592 6.12 -17.92 -22.69
CA PHE A 592 6.39 -19.18 -23.39
C PHE A 592 5.53 -20.32 -22.85
N VAL A 593 5.28 -20.33 -21.53
CA VAL A 593 4.44 -21.41 -20.99
C VAL A 593 3.00 -21.24 -21.45
N LYS A 594 2.53 -20.00 -21.61
CA LYS A 594 1.12 -19.86 -22.04
C LYS A 594 0.99 -20.38 -23.45
N VAL A 595 1.95 -19.98 -24.29
CA VAL A 595 1.95 -20.43 -25.67
C VAL A 595 2.20 -21.94 -25.74
N SER A 596 3.17 -22.40 -24.99
CA SER A 596 3.49 -23.81 -25.07
C SER A 596 2.35 -24.67 -24.58
N SER A 597 1.55 -24.20 -23.63
CA SER A 597 0.62 -25.18 -23.09
C SER A 597 -0.57 -25.31 -23.99
N GLN A 598 -0.72 -24.39 -24.94
CA GLN A 598 -1.84 -24.49 -25.87
C GLN A 598 -1.73 -25.74 -26.74
N LYS A 599 -0.53 -26.29 -26.88
CA LYS A 599 -0.24 -27.28 -27.91
C LYS A 599 0.28 -28.57 -27.33
N THR A 600 0.24 -28.68 -26.02
CA THR A 600 1.14 -29.64 -25.41
C THR A 600 0.54 -30.04 -24.07
N THR A 601 0.96 -31.21 -23.62
CA THR A 601 0.60 -31.62 -22.28
C THR A 601 1.22 -30.70 -21.25
N LYS A 602 0.52 -30.58 -20.14
CA LYS A 602 1.05 -30.08 -18.88
C LYS A 602 2.46 -30.60 -18.59
N PRO A 603 2.76 -31.91 -18.66
CA PRO A 603 4.13 -32.32 -18.31
C PRO A 603 5.15 -32.00 -19.40
N GLN A 604 4.70 -32.00 -20.66
CA GLN A 604 5.63 -31.59 -21.70
C GLN A 604 5.95 -30.10 -21.64
N THR A 605 4.97 -29.22 -21.37
CA THR A 605 5.45 -27.84 -21.24
C THR A 605 6.29 -27.68 -19.97
N LYS A 606 5.97 -28.42 -18.91
CA LYS A 606 6.77 -28.34 -17.70
C LYS A 606 8.24 -28.63 -17.98
N GLU A 607 8.53 -29.74 -18.65
CA GLU A 607 9.94 -29.95 -18.91
C GLU A 607 10.50 -28.99 -19.95
N MET A 608 9.64 -28.33 -20.76
CA MET A 608 10.12 -27.25 -21.62
C MET A 608 10.44 -26.02 -20.81
N MET A 609 9.50 -25.68 -19.90
CA MET A 609 9.73 -24.65 -18.88
C MET A 609 11.10 -24.81 -18.25
N HIS A 610 11.47 -26.02 -17.85
CA HIS A 610 12.76 -26.19 -17.20
C HIS A 610 13.88 -26.01 -18.18
N MET A 611 13.64 -26.34 -19.45
CA MET A 611 14.77 -26.22 -20.38
C MET A 611 15.07 -24.78 -20.64
N CYS A 612 14.01 -23.98 -20.86
CA CYS A 612 14.16 -22.53 -20.93
C CYS A 612 14.85 -21.96 -19.68
N MET A 613 14.39 -22.38 -18.49
CA MET A 613 14.98 -21.88 -17.23
C MET A 613 16.44 -22.24 -17.14
N ARG A 614 16.82 -23.37 -17.77
CA ARG A 614 18.18 -23.85 -17.67
C ARG A 614 19.10 -23.03 -18.54
N GLN A 615 18.55 -22.28 -19.49
CA GLN A 615 19.40 -21.47 -20.36
C GLN A 615 20.22 -20.52 -19.52
N GLU A 616 21.47 -20.43 -19.86
CA GLU A 616 22.32 -19.26 -19.69
C GLU A 616 21.64 -18.10 -18.96
N THR A 617 20.90 -17.33 -19.76
CA THR A 617 20.49 -16.01 -19.31
C THR A 617 19.40 -16.13 -18.28
N TYR A 618 18.65 -17.23 -18.27
CA TYR A 618 17.59 -17.32 -17.27
C TYR A 618 18.14 -17.64 -15.88
N MET A 619 19.12 -18.54 -15.81
CA MET A 619 19.80 -18.89 -14.55
C MET A 619 20.41 -17.66 -13.87
N GLU A 620 21.14 -16.88 -14.64
CA GLU A 620 21.73 -15.62 -14.23
C GLU A 620 20.68 -14.57 -13.87
N ALA A 621 19.61 -14.43 -14.66
CA ALA A 621 18.69 -13.36 -14.37
C ALA A 621 17.85 -13.70 -13.16
N LEU A 622 17.44 -14.96 -13.04
CA LEU A 622 16.57 -15.37 -11.97
C LEU A 622 17.28 -15.67 -10.66
N SER A 623 18.61 -15.55 -10.54
CA SER A 623 19.25 -16.04 -9.33
C SER A 623 19.97 -14.93 -8.57
N HIS A 624 20.12 -15.13 -7.27
CA HIS A 624 20.93 -14.23 -6.44
C HIS A 624 20.28 -12.85 -6.34
N LEU A 625 19.04 -12.82 -5.94
CA LEU A 625 18.43 -11.52 -5.78
C LEU A 625 17.81 -11.37 -4.41
N GLN A 626 17.57 -10.10 -4.03
CA GLN A 626 16.66 -9.80 -2.94
C GLN A 626 15.23 -10.02 -3.41
N SER A 627 14.41 -10.61 -2.55
CA SER A 627 13.05 -10.90 -2.94
C SER A 627 12.23 -9.61 -3.07
N PRO A 628 11.66 -9.29 -4.24
CA PRO A 628 10.82 -8.09 -4.24
C PRO A 628 9.74 -8.20 -3.19
N LEU A 629 9.36 -9.40 -2.73
CA LEU A 629 8.30 -9.50 -1.72
C LEU A 629 8.74 -9.01 -0.34
N ASP A 630 10.00 -9.00 -0.06
CA ASP A 630 10.57 -8.85 1.26
C ASP A 630 12.08 -8.84 1.05
N PRO A 631 12.68 -7.65 1.02
CA PRO A 631 14.11 -7.57 0.65
C PRO A 631 15.02 -8.36 1.62
N SER A 632 14.58 -8.60 2.87
CA SER A 632 15.44 -9.29 3.81
C SER A 632 15.61 -10.77 3.42
N THR A 633 14.67 -11.33 2.65
CA THR A 633 14.75 -12.67 2.09
C THR A 633 15.54 -12.65 0.81
N LEU A 634 16.50 -13.57 0.66
CA LEU A 634 17.39 -13.67 -0.49
C LEU A 634 16.99 -14.82 -1.41
N LEU A 635 16.79 -14.55 -2.67
CA LEU A 635 16.59 -15.64 -3.61
C LEU A 635 17.92 -15.94 -4.32
N GLU A 636 18.51 -17.05 -3.98
CA GLU A 636 19.83 -17.38 -4.50
C GLU A 636 19.76 -18.30 -5.70
N GLU A 637 19.91 -19.60 -5.44
CA GLU A 637 19.86 -20.63 -6.51
C GLU A 637 18.42 -20.96 -6.85
N VAL A 638 18.05 -20.75 -8.08
CA VAL A 638 16.73 -21.18 -8.47
C VAL A 638 16.76 -22.71 -8.62
N CYS A 639 15.88 -23.44 -7.91
CA CYS A 639 15.76 -24.91 -8.05
C CYS A 639 14.88 -25.31 -9.22
N VAL A 640 15.47 -25.42 -10.41
CA VAL A 640 14.65 -25.60 -11.61
C VAL A 640 13.72 -26.78 -11.46
N GLU A 641 14.27 -27.89 -10.95
CA GLU A 641 13.62 -29.15 -10.63
C GLU A 641 12.26 -28.96 -9.97
N GLN A 642 12.16 -28.02 -9.03
CA GLN A 642 10.92 -27.88 -8.27
C GLN A 642 10.04 -26.74 -8.78
N CYS A 643 10.41 -26.05 -9.84
CA CYS A 643 9.48 -25.09 -10.45
C CYS A 643 8.36 -25.77 -11.23
N THR A 644 7.19 -25.12 -11.26
CA THR A 644 6.06 -25.62 -12.02
C THR A 644 5.06 -24.47 -12.34
N PHE A 645 3.81 -24.82 -12.72
CA PHE A 645 2.87 -23.77 -13.05
C PHE A 645 1.44 -24.32 -13.01
N MET A 646 0.47 -23.47 -12.65
CA MET A 646 -0.95 -23.91 -12.60
C MET A 646 -1.50 -24.14 -14.02
N ASP A 647 -1.94 -25.36 -14.34
CA ASP A 647 -2.39 -25.45 -15.73
C ASP A 647 -3.86 -25.13 -15.87
N SER A 648 -4.17 -23.96 -15.37
CA SER A 648 -5.43 -23.31 -15.69
C SER A 648 -5.14 -21.83 -15.67
N LYS A 649 -5.20 -21.27 -16.89
CA LYS A 649 -5.82 -19.99 -17.18
C LYS A 649 -4.73 -18.97 -17.52
N MET A 650 -4.32 -18.19 -16.53
CA MET A 650 -3.18 -17.29 -16.70
C MET A 650 -1.85 -17.97 -16.40
N LYS A 651 -1.82 -19.30 -16.29
CA LYS A 651 -0.59 -20.05 -16.15
C LYS A 651 0.32 -19.47 -15.06
N PRO A 652 -0.19 -19.10 -13.87
CA PRO A 652 0.73 -18.61 -12.84
C PRO A 652 1.84 -19.65 -12.57
N LEU A 653 3.08 -19.16 -12.41
CA LEU A 653 4.30 -19.92 -12.18
C LEU A 653 4.66 -20.10 -10.70
N TRP A 654 5.22 -21.29 -10.38
CA TRP A 654 5.69 -21.62 -9.06
C TRP A 654 7.20 -21.69 -9.09
N ILE A 655 7.91 -20.73 -8.48
CA ILE A 655 9.37 -20.71 -8.52
C ILE A 655 9.96 -20.91 -7.14
N MET A 656 10.78 -21.95 -7.01
CA MET A 656 11.41 -22.36 -5.77
C MET A 656 12.89 -22.03 -5.76
N TYR A 657 13.41 -21.63 -4.60
CA TYR A 657 14.82 -21.32 -4.41
C TYR A 657 15.42 -22.11 -3.25
N SER A 658 16.76 -22.18 -3.24
CA SER A 658 17.50 -22.61 -2.07
C SER A 658 18.82 -21.85 -1.96
N SER A 659 19.38 -21.88 -0.74
CA SER A 659 20.58 -21.12 -0.36
C SER A 659 21.37 -21.98 0.62
N GLU A 660 22.62 -22.34 0.31
CA GLU A 660 23.29 -23.16 1.30
C GLU A 660 23.60 -22.35 2.58
N GLU A 661 23.92 -21.06 2.44
CA GLU A 661 24.20 -20.25 3.62
C GLU A 661 23.02 -20.21 4.57
N ALA A 662 21.79 -19.97 4.05
CA ALA A 662 20.62 -19.84 4.94
C ALA A 662 20.12 -21.18 5.49
N GLY A 663 20.54 -22.29 4.89
CA GLY A 663 20.09 -23.58 5.36
C GLY A 663 18.64 -23.72 5.00
N SER A 664 17.82 -24.15 5.93
CA SER A 664 16.40 -24.31 5.62
C SER A 664 15.69 -22.97 5.43
N ALA A 665 16.13 -21.91 6.11
CA ALA A 665 15.45 -20.64 5.85
C ALA A 665 15.81 -20.08 4.48
N GLY A 666 16.70 -20.76 3.75
CA GLY A 666 16.96 -20.53 2.35
C GLY A 666 15.98 -21.19 1.38
N ASN A 667 15.14 -22.09 1.86
CA ASN A 667 14.19 -22.71 0.97
C ASN A 667 12.94 -21.86 0.82
N VAL A 668 12.79 -21.12 -0.30
CA VAL A 668 11.71 -20.13 -0.40
C VAL A 668 11.12 -20.16 -1.78
N GLY A 669 9.82 -20.05 -1.85
CA GLY A 669 9.10 -20.11 -3.11
C GLY A 669 8.40 -18.79 -3.38
N ILE A 670 8.31 -18.43 -4.66
CA ILE A 670 7.52 -17.29 -5.03
C ILE A 670 6.63 -17.67 -6.21
N ILE A 671 5.41 -17.13 -6.24
CA ILE A 671 4.41 -17.40 -7.27
C ILE A 671 4.35 -16.15 -8.14
N PHE A 672 4.44 -16.30 -9.47
CA PHE A 672 4.44 -15.16 -10.41
C PHE A 672 3.12 -15.20 -11.17
N LYS A 673 2.50 -14.05 -11.34
CA LYS A 673 1.18 -14.01 -11.94
C LYS A 673 1.26 -12.96 -13.02
N ASN A 674 0.77 -13.32 -14.20
CA ASN A 674 0.75 -12.38 -15.31
C ASN A 674 -0.60 -12.55 -16.01
N GLY A 675 -1.52 -11.60 -15.77
CA GLY A 675 -2.87 -11.81 -16.22
C GLY A 675 -3.91 -11.37 -15.21
N ASP A 676 -3.60 -11.63 -13.93
CA ASP A 676 -4.44 -11.41 -12.76
C ASP A 676 -4.14 -10.03 -12.17
N ASP A 677 -5.11 -9.44 -11.46
CA ASP A 677 -4.85 -8.19 -10.77
C ASP A 677 -4.55 -8.43 -9.30
N LEU A 678 -3.48 -7.87 -8.80
CA LEU A 678 -3.11 -8.28 -7.47
C LEU A 678 -3.33 -7.20 -6.45
N ARG A 679 -3.57 -5.96 -6.89
CA ARG A 679 -3.84 -4.84 -5.98
C ARG A 679 -4.83 -5.20 -4.86
N GLN A 680 -5.98 -5.79 -5.21
CA GLN A 680 -6.97 -6.17 -4.21
C GLN A 680 -6.43 -7.17 -3.17
N ASP A 681 -5.83 -8.27 -3.62
CA ASP A 681 -5.24 -9.18 -2.65
C ASP A 681 -4.26 -8.46 -1.76
N MET A 682 -3.44 -7.57 -2.34
CA MET A 682 -2.40 -6.96 -1.52
C MET A 682 -3.01 -6.12 -0.42
N LEU A 683 -4.09 -5.42 -0.73
CA LEU A 683 -4.73 -4.55 0.24
C LEU A 683 -5.33 -5.39 1.35
N THR A 684 -6.06 -6.44 0.95
CA THR A 684 -6.66 -7.36 1.91
C THR A 684 -5.62 -7.97 2.89
N LEU A 685 -4.45 -8.36 2.38
CA LEU A 685 -3.42 -8.94 3.24
C LEU A 685 -2.73 -7.91 4.10
N GLN A 686 -2.71 -6.66 3.64
CA GLN A 686 -2.17 -5.64 4.51
C GLN A 686 -3.13 -5.48 5.69
N MET A 687 -4.41 -5.55 5.39
CA MET A 687 -5.45 -5.39 6.37
C MET A 687 -5.45 -6.55 7.36
N ILE A 688 -5.29 -7.76 6.86
CA ILE A 688 -5.21 -8.86 7.79
C ILE A 688 -3.96 -8.70 8.64
N GLN A 689 -2.84 -8.28 8.04
CA GLN A 689 -1.63 -8.06 8.81
C GLN A 689 -1.84 -6.94 9.84
N LEU A 690 -2.58 -5.90 9.46
CA LEU A 690 -2.91 -4.87 10.44
C LEU A 690 -3.71 -5.48 11.59
N MET A 691 -4.77 -6.21 11.25
CA MET A 691 -5.53 -6.94 12.27
C MET A 691 -4.62 -7.71 13.22
N ASP A 692 -3.77 -8.56 12.69
CA ASP A 692 -2.91 -9.38 13.53
C ASP A 692 -2.02 -8.53 14.45
N VAL A 693 -1.59 -7.35 13.97
CA VAL A 693 -0.81 -6.41 14.80
C VAL A 693 -1.70 -5.84 15.90
N LEU A 694 -2.89 -5.32 15.54
CA LEU A 694 -3.81 -4.87 16.56
C LEU A 694 -4.03 -5.98 17.61
N TRP A 695 -4.24 -7.20 17.15
CA TRP A 695 -4.55 -8.26 18.09
C TRP A 695 -3.35 -8.58 18.95
N LYS A 696 -2.19 -8.81 18.32
CA LYS A 696 -0.99 -9.12 19.07
C LYS A 696 -0.67 -7.97 20.01
N GLN A 697 -1.03 -6.75 19.65
CA GLN A 697 -0.83 -5.63 20.57
C GLN A 697 -2.02 -5.42 21.50
N GLU A 698 -2.77 -6.46 21.78
CA GLU A 698 -3.62 -6.51 22.96
C GLU A 698 -3.54 -7.92 23.55
N GLY A 699 -2.43 -8.59 23.32
CA GLY A 699 -2.19 -9.83 24.00
C GLY A 699 -2.58 -11.06 23.23
N LEU A 700 -3.32 -10.91 22.12
CA LEU A 700 -4.05 -12.01 21.51
C LEU A 700 -3.35 -12.41 20.22
N ASP A 701 -2.73 -13.58 20.19
CA ASP A 701 -2.12 -14.08 18.95
C ASP A 701 -3.00 -15.14 18.27
N LEU A 702 -3.78 -14.73 17.28
CA LEU A 702 -4.54 -15.68 16.47
C LEU A 702 -3.66 -16.41 15.44
N ARG A 703 -2.35 -16.29 15.46
CA ARG A 703 -1.48 -17.20 14.71
C ARG A 703 -1.78 -17.13 13.20
N MET A 704 -1.90 -15.91 12.72
CA MET A 704 -2.27 -15.58 11.35
C MET A 704 -1.09 -15.76 10.40
N THR A 705 -1.40 -15.72 9.11
CA THR A 705 -0.41 -15.89 8.06
C THR A 705 -0.67 -14.80 7.03
N PRO A 706 -0.20 -13.55 7.29
CA PRO A 706 -0.29 -12.53 6.21
C PRO A 706 0.90 -12.63 5.24
N TYR A 707 0.77 -13.45 4.20
CA TYR A 707 1.90 -13.70 3.32
C TYR A 707 2.08 -12.55 2.36
N GLY A 708 3.35 -12.32 2.00
CA GLY A 708 3.70 -11.31 1.02
C GLY A 708 2.87 -11.34 -0.26
N CYS A 709 2.58 -10.14 -0.78
CA CYS A 709 1.88 -10.05 -2.04
C CYS A 709 2.11 -8.68 -2.67
N LEU A 710 2.70 -8.63 -3.86
CA LEU A 710 3.10 -7.34 -4.40
C LEU A 710 2.90 -7.15 -5.91
N PRO A 711 1.93 -6.33 -6.34
CA PRO A 711 1.93 -5.87 -7.75
C PRO A 711 3.27 -5.28 -8.08
N THR A 712 3.80 -5.70 -9.25
CA THR A 712 5.05 -5.16 -9.78
C THR A 712 4.87 -4.36 -11.04
N GLY A 713 3.79 -4.59 -11.76
CA GLY A 713 3.61 -3.94 -13.04
C GLY A 713 2.19 -4.08 -13.46
N ASP A 714 1.98 -3.99 -14.78
CA ASP A 714 0.61 -4.09 -15.30
C ASP A 714 0.11 -5.52 -15.14
N ARG A 715 -0.86 -5.70 -14.23
CA ARG A 715 -1.44 -7.01 -13.98
C ARG A 715 -0.35 -8.03 -13.64
N THR A 716 0.79 -7.56 -13.14
CA THR A 716 1.94 -8.40 -12.84
C THR A 716 2.38 -8.25 -11.38
N GLY A 717 2.64 -9.38 -10.73
CA GLY A 717 3.25 -9.31 -9.45
C GLY A 717 3.64 -10.64 -8.92
N LEU A 718 3.87 -10.68 -7.57
CA LEU A 718 4.44 -11.80 -6.87
C LEU A 718 3.58 -12.17 -5.69
N ILE A 719 3.65 -13.46 -5.33
CA ILE A 719 3.05 -13.93 -4.09
C ILE A 719 4.10 -14.73 -3.33
N GLU A 720 4.24 -14.47 -2.05
CA GLU A 720 5.06 -15.33 -1.23
C GLU A 720 4.42 -16.68 -1.02
N VAL A 721 5.16 -17.75 -1.31
CA VAL A 721 4.63 -19.08 -1.04
C VAL A 721 4.77 -19.39 0.45
N VAL A 722 3.70 -19.88 1.08
CA VAL A 722 3.82 -20.41 2.43
C VAL A 722 4.14 -21.90 2.31
N LEU A 723 5.38 -22.28 2.61
CA LEU A 723 5.78 -23.67 2.47
C LEU A 723 5.04 -24.54 3.49
N HIS A 724 5.09 -25.87 3.25
CA HIS A 724 4.54 -26.92 4.13
C HIS A 724 3.05 -26.71 4.43
N SER A 725 2.26 -26.48 3.40
CA SER A 725 0.83 -26.25 3.59
C SER A 725 0.13 -26.73 2.33
N ASP A 726 -1.20 -26.94 2.45
CA ASP A 726 -2.02 -27.38 1.31
C ASP A 726 -3.46 -26.95 1.53
N THR A 727 -4.28 -27.21 0.51
CA THR A 727 -5.65 -26.72 0.48
C THR A 727 -6.60 -27.73 1.12
N ILE A 728 -7.66 -27.21 1.76
CA ILE A 728 -8.67 -28.13 2.28
C ILE A 728 -9.01 -29.19 1.22
N ALA A 729 -9.38 -28.74 0.02
CA ALA A 729 -9.81 -29.67 -1.03
C ALA A 729 -8.76 -30.75 -1.26
N ASN A 730 -7.50 -30.36 -1.40
CA ASN A 730 -6.47 -31.37 -1.56
C ASN A 730 -6.38 -32.27 -0.35
N ILE A 731 -6.77 -31.79 0.83
CA ILE A 731 -6.70 -32.64 2.04
C ILE A 731 -7.95 -33.50 2.17
N GLN A 732 -9.11 -32.92 1.86
CA GLN A 732 -10.33 -33.69 1.84
C GLN A 732 -10.31 -34.77 0.76
N LEU A 733 -9.60 -34.54 -0.36
CA LEU A 733 -9.66 -35.51 -1.47
C LEU A 733 -9.09 -36.86 -1.09
N ASN A 734 -8.41 -36.97 0.06
CA ASN A 734 -8.16 -38.25 0.73
C ASN A 734 -7.12 -39.05 -0.10
N ALA A 742 -9.37 -41.41 5.14
CA ALA A 742 -10.35 -41.46 6.23
C ALA A 742 -11.77 -42.02 5.82
N ALA A 743 -12.48 -42.53 6.83
CA ALA A 743 -13.78 -43.15 6.56
C ALA A 743 -14.80 -42.10 6.18
N PHE A 744 -14.72 -40.92 6.82
CA PHE A 744 -15.66 -39.82 6.61
C PHE A 744 -14.90 -38.52 6.36
N ASN A 745 -15.48 -37.70 5.44
CA ASN A 745 -14.84 -36.49 4.97
C ASN A 745 -14.47 -35.54 6.12
N LYS A 746 -15.29 -35.47 7.17
CA LYS A 746 -14.93 -34.65 8.31
C LYS A 746 -13.70 -35.18 9.02
N ASP A 747 -13.46 -36.49 8.98
CA ASP A 747 -12.22 -36.95 9.56
C ASP A 747 -11.00 -36.51 8.76
N ALA A 748 -11.17 -36.03 7.51
CA ALA A 748 -10.00 -35.86 6.66
C ALA A 748 -9.01 -34.83 7.25
N LEU A 749 -9.51 -33.65 7.56
CA LEU A 749 -8.64 -32.61 8.10
C LEU A 749 -7.96 -33.06 9.37
N LEU A 750 -8.77 -33.52 10.33
CA LEU A 750 -8.21 -33.97 11.60
C LEU A 750 -7.18 -35.07 11.42
N ASN A 751 -7.38 -35.94 10.44
CA ASN A 751 -6.43 -37.03 10.28
C ASN A 751 -5.16 -36.57 9.63
N TRP A 752 -5.27 -35.58 8.73
CA TRP A 752 -4.08 -34.94 8.18
C TRP A 752 -3.30 -34.25 9.28
N LEU A 753 -4.01 -33.49 10.12
CA LEU A 753 -3.38 -32.91 11.30
C LEU A 753 -2.77 -33.98 12.18
N LYS A 754 -3.54 -35.05 12.48
CA LYS A 754 -2.99 -36.15 13.31
C LYS A 754 -1.74 -36.74 12.70
N SER A 755 -1.69 -36.78 11.35
CA SER A 755 -0.56 -37.36 10.63
C SER A 755 0.68 -36.48 10.65
N LYS A 756 0.54 -35.18 10.62
CA LYS A 756 1.74 -34.35 10.56
C LYS A 756 2.16 -33.86 11.94
N ASN A 757 1.44 -34.21 13.00
CA ASN A 757 1.74 -33.77 14.36
C ASN A 757 1.58 -34.90 15.36
N PRO A 758 2.57 -35.81 15.40
CA PRO A 758 2.48 -37.02 16.23
C PRO A 758 2.22 -36.80 17.71
N GLY A 759 1.36 -37.69 18.25
CA GLY A 759 1.15 -37.85 19.67
C GLY A 759 0.84 -36.60 20.48
N GLU A 760 1.86 -36.16 21.22
CA GLU A 760 1.77 -34.90 21.96
C GLU A 760 1.38 -33.77 21.04
N ALA A 761 1.92 -33.77 19.81
CA ALA A 761 2.04 -32.53 19.05
C ALA A 761 0.72 -32.13 18.44
N LEU A 762 -0.18 -33.10 18.25
CA LEU A 762 -1.52 -32.80 17.75
C LEU A 762 -2.12 -31.69 18.56
N ASP A 763 -1.87 -31.70 19.86
CA ASP A 763 -2.64 -30.81 20.71
C ASP A 763 -2.36 -29.37 20.34
N ARG A 764 -1.10 -29.07 19.97
CA ARG A 764 -0.76 -27.69 19.58
C ARG A 764 -1.46 -27.34 18.28
N ALA A 765 -1.25 -28.18 17.25
CA ALA A 765 -1.96 -28.02 15.98
C ALA A 765 -3.42 -27.65 16.17
N ILE A 766 -4.11 -28.32 17.11
CA ILE A 766 -5.53 -28.05 17.28
C ILE A 766 -5.74 -26.64 17.80
N GLU A 767 -4.76 -26.08 18.46
CA GLU A 767 -4.98 -24.75 18.99
C GLU A 767 -4.56 -23.71 17.95
N GLU A 768 -3.40 -23.99 17.32
CA GLU A 768 -3.02 -23.34 16.07
C GLU A 768 -4.25 -23.25 15.16
N PHE A 769 -4.85 -24.40 14.87
CA PHE A 769 -5.98 -24.42 13.98
C PHE A 769 -7.10 -23.51 14.47
N THR A 770 -7.33 -23.50 15.78
CA THR A 770 -8.51 -22.87 16.36
C THR A 770 -8.41 -21.38 16.40
N LEU A 771 -7.23 -20.88 16.77
CA LEU A 771 -7.00 -19.44 16.79
C LEU A 771 -7.08 -18.85 15.38
N SER A 772 -6.26 -19.41 14.45
CA SER A 772 -6.26 -18.98 13.06
C SER A 772 -7.66 -19.05 12.45
N CYS A 773 -8.41 -20.10 12.83
CA CYS A 773 -9.78 -20.19 12.35
C CYS A 773 -10.55 -18.95 12.77
N ALA A 774 -10.54 -18.68 14.08
CA ALA A 774 -11.33 -17.58 14.57
C ALA A 774 -10.88 -16.28 13.93
N GLY A 775 -9.57 -16.09 13.84
CA GLY A 775 -9.03 -14.89 13.22
C GLY A 775 -9.44 -14.70 11.78
N TYR A 776 -9.37 -15.76 10.98
CA TYR A 776 -9.86 -15.56 9.62
C TYR A 776 -11.37 -15.48 9.56
N CYS A 777 -12.09 -16.11 10.50
CA CYS A 777 -13.54 -15.93 10.47
C CYS A 777 -13.87 -14.47 10.68
N VAL A 778 -13.17 -13.84 11.62
CA VAL A 778 -13.41 -12.44 11.91
C VAL A 778 -12.96 -11.56 10.76
N ALA A 779 -11.73 -11.82 10.27
CA ALA A 779 -11.17 -11.10 9.13
C ALA A 779 -12.09 -11.22 7.92
N THR A 780 -12.40 -12.45 7.50
CA THR A 780 -13.20 -12.57 6.28
C THR A 780 -14.55 -11.87 6.44
N TYR A 781 -15.16 -11.92 7.62
CA TYR A 781 -16.46 -11.28 7.84
C TYR A 781 -16.36 -9.75 7.76
N VAL A 782 -15.44 -9.14 8.52
CA VAL A 782 -15.28 -7.68 8.51
C VAL A 782 -15.06 -7.17 7.09
N LEU A 783 -14.02 -7.70 6.44
CA LEU A 783 -13.66 -7.35 5.09
C LEU A 783 -14.63 -7.90 4.04
N GLY A 784 -15.72 -8.57 4.44
CA GLY A 784 -16.70 -9.07 3.49
C GLY A 784 -16.09 -9.88 2.35
N ILE A 785 -15.30 -10.90 2.68
CA ILE A 785 -14.66 -11.77 1.69
C ILE A 785 -15.51 -13.01 1.60
N GLY A 786 -16.27 -13.12 0.51
CA GLY A 786 -17.06 -14.29 0.23
C GLY A 786 -16.34 -15.21 -0.72
N ASP A 787 -17.11 -16.08 -1.36
CA ASP A 787 -16.52 -16.93 -2.36
C ASP A 787 -15.44 -17.80 -1.73
N ARG A 788 -15.62 -18.19 -0.52
CA ARG A 788 -14.66 -19.06 0.11
C ARG A 788 -15.11 -20.50 -0.09
N HIS A 789 -14.16 -21.34 -0.45
CA HIS A 789 -14.44 -22.72 -0.79
C HIS A 789 -13.19 -23.54 -0.49
N SER A 790 -13.26 -24.84 -0.76
CA SER A 790 -12.24 -25.67 -0.15
C SER A 790 -10.94 -25.64 -0.93
N ASP A 791 -10.86 -24.84 -2.01
CA ASP A 791 -9.67 -24.65 -2.83
C ASP A 791 -8.91 -23.36 -2.52
N ASN A 792 -9.53 -22.44 -1.76
CA ASN A 792 -8.89 -21.16 -1.49
C ASN A 792 -8.71 -20.96 0.01
N ILE A 793 -8.98 -22.00 0.78
CA ILE A 793 -8.65 -22.04 2.19
C ILE A 793 -7.56 -23.09 2.40
N MET A 794 -6.48 -22.69 3.05
CA MET A 794 -5.34 -23.53 3.22
C MET A 794 -5.01 -23.74 4.70
N ILE A 795 -4.22 -24.78 4.92
CA ILE A 795 -3.85 -25.19 6.25
C ILE A 795 -2.40 -25.62 6.27
N ARG A 796 -1.72 -25.22 7.33
CA ARG A 796 -0.33 -25.53 7.52
C ARG A 796 -0.19 -26.76 8.36
N GLU A 797 0.99 -27.35 8.30
CA GLU A 797 1.19 -28.54 9.10
C GLU A 797 1.23 -28.20 10.57
N SER A 798 1.66 -26.99 10.92
CA SER A 798 1.54 -26.57 12.31
C SER A 798 0.07 -26.56 12.78
N GLY A 799 -0.87 -26.63 11.84
CA GLY A 799 -2.27 -26.58 12.14
C GLY A 799 -2.90 -25.25 11.82
N GLN A 800 -2.07 -24.20 11.65
CA GLN A 800 -2.58 -22.89 11.22
C GLN A 800 -3.35 -22.97 9.89
N LEU A 801 -4.58 -22.50 9.92
CA LEU A 801 -5.43 -22.34 8.74
C LEU A 801 -5.32 -20.91 8.22
N PHE A 802 -5.16 -20.75 6.91
CA PHE A 802 -5.19 -19.41 6.31
C PHE A 802 -5.85 -19.39 4.94
N HIS A 803 -6.30 -18.20 4.54
CA HIS A 803 -6.99 -17.96 3.27
C HIS A 803 -6.05 -17.41 2.19
N ILE A 804 -6.18 -17.94 0.97
CA ILE A 804 -5.65 -17.29 -0.22
C ILE A 804 -6.74 -16.76 -1.17
N ASP A 805 -6.28 -16.21 -2.29
CA ASP A 805 -7.04 -15.63 -3.40
C ASP A 805 -8.21 -14.74 -3.00
N PHE A 806 -7.95 -13.45 -2.84
CA PHE A 806 -8.98 -12.60 -2.28
C PHE A 806 -9.78 -11.93 -3.41
N GLY A 807 -9.17 -11.03 -4.18
CA GLY A 807 -9.85 -10.64 -5.41
C GLY A 807 -11.22 -9.98 -5.33
N HIS A 808 -12.08 -10.38 -4.38
CA HIS A 808 -13.33 -9.66 -4.18
C HIS A 808 -13.33 -8.78 -2.93
N PHE A 809 -14.06 -9.16 -1.89
CA PHE A 809 -14.21 -8.43 -0.60
C PHE A 809 -15.26 -7.32 -0.63
N LEU A 810 -15.61 -6.80 0.55
CA LEU A 810 -16.70 -5.86 0.76
C LEU A 810 -18.04 -6.38 0.24
N GLY A 811 -18.22 -7.71 0.15
CA GLY A 811 -19.37 -8.31 -0.50
C GLY A 811 -19.33 -8.25 -2.03
N ASN A 812 -18.60 -7.29 -2.59
CA ASN A 812 -18.50 -7.09 -4.05
C ASN A 812 -17.87 -8.28 -4.79
N VAL A 824 -22.01 -10.50 2.64
CA VAL A 824 -21.52 -11.83 3.05
C VAL A 824 -21.98 -12.13 4.46
N PRO A 825 -22.36 -13.38 4.71
CA PRO A 825 -22.61 -13.80 6.10
C PRO A 825 -21.34 -14.30 6.79
N PHE A 826 -21.42 -14.34 8.12
CA PHE A 826 -20.40 -15.06 8.85
C PHE A 826 -20.34 -16.47 8.27
N ILE A 827 -19.12 -16.97 8.07
CA ILE A 827 -18.91 -18.27 7.46
C ILE A 827 -18.37 -19.18 8.56
N LEU A 828 -18.69 -20.47 8.44
CA LEU A 828 -18.27 -21.51 9.39
C LEU A 828 -18.79 -22.87 8.92
N THR A 829 -17.95 -23.88 9.07
CA THR A 829 -18.15 -25.12 8.33
C THR A 829 -17.84 -26.28 9.27
N TYR A 830 -18.79 -27.19 9.37
CA TYR A 830 -18.76 -28.15 10.45
C TYR A 830 -17.46 -28.94 10.49
N ASP A 831 -16.80 -29.25 9.35
CA ASP A 831 -15.54 -29.98 9.54
C ASP A 831 -14.43 -29.09 10.13
N PHE A 832 -14.58 -27.76 10.08
CA PHE A 832 -13.77 -26.90 10.95
C PHE A 832 -14.21 -27.02 12.41
N VAL A 833 -15.49 -26.77 12.69
CA VAL A 833 -16.07 -27.07 13.99
C VAL A 833 -15.57 -28.40 14.48
N HIS A 834 -15.56 -29.42 13.60
CA HIS A 834 -15.10 -30.74 13.99
C HIS A 834 -13.68 -30.67 14.56
N VAL A 835 -12.79 -29.97 13.86
CA VAL A 835 -11.41 -29.95 14.33
C VAL A 835 -11.31 -29.22 15.66
N ILE A 836 -11.98 -28.06 15.77
CA ILE A 836 -11.97 -27.21 16.97
C ILE A 836 -12.44 -27.96 18.21
N GLN A 837 -13.17 -29.06 18.02
CA GLN A 837 -13.76 -29.87 19.07
C GLN A 837 -13.00 -31.16 19.28
N GLN A 838 -11.76 -31.23 18.81
CA GLN A 838 -10.87 -32.36 18.98
C GLN A 838 -11.43 -33.64 18.36
N GLY A 839 -12.44 -33.51 17.46
CA GLY A 839 -13.11 -34.63 16.82
C GLY A 839 -14.32 -35.20 17.56
N LYS A 840 -14.50 -34.89 18.87
CA LYS A 840 -15.59 -35.42 19.68
C LYS A 840 -16.92 -34.74 19.32
N THR A 841 -17.88 -35.52 18.76
CA THR A 841 -19.23 -35.11 18.35
C THR A 841 -19.62 -33.68 18.72
N ASN A 842 -19.76 -33.40 20.02
CA ASN A 842 -19.83 -32.03 20.52
C ASN A 842 -19.14 -31.91 21.88
N ASN A 843 -18.25 -30.91 22.00
CA ASN A 843 -17.32 -30.71 23.13
C ASN A 843 -17.39 -29.23 23.47
N SER A 844 -18.54 -28.82 23.99
CA SER A 844 -18.84 -27.40 24.10
C SER A 844 -17.88 -26.63 25.00
N GLU A 845 -17.03 -27.31 25.77
CA GLU A 845 -15.98 -26.60 26.49
C GLU A 845 -14.88 -26.11 25.56
N LYS A 846 -14.55 -26.81 24.45
CA LYS A 846 -13.62 -26.25 23.48
C LYS A 846 -14.33 -25.19 22.63
N PHE A 847 -15.50 -25.56 22.08
CA PHE A 847 -16.18 -24.71 21.11
C PHE A 847 -16.44 -23.30 21.66
N GLU A 848 -16.98 -23.21 22.88
CA GLU A 848 -17.42 -21.91 23.38
C GLU A 848 -16.23 -20.98 23.52
N ARG A 849 -15.08 -21.51 23.88
CA ARG A 849 -13.98 -20.59 24.02
C ARG A 849 -13.48 -20.14 22.65
N PHE A 850 -13.41 -21.08 21.69
CA PHE A 850 -13.34 -20.69 20.30
C PHE A 850 -14.35 -19.58 19.99
N ARG A 851 -15.59 -19.73 20.42
CA ARG A 851 -16.56 -18.67 20.16
C ARG A 851 -16.19 -17.40 20.90
N GLY A 852 -15.40 -17.53 21.96
CA GLY A 852 -14.95 -16.36 22.67
C GLY A 852 -13.79 -15.68 21.96
N TYR A 853 -12.88 -16.46 21.39
CA TYR A 853 -11.89 -15.89 20.49
C TYR A 853 -12.56 -14.96 19.48
N CYS A 854 -13.48 -15.49 18.71
CA CYS A 854 -14.07 -14.67 17.65
C CYS A 854 -14.56 -13.36 18.22
N GLU A 855 -15.27 -13.42 19.36
CA GLU A 855 -15.91 -12.21 19.86
C GLU A 855 -14.88 -11.22 20.38
N ARG A 856 -13.77 -11.74 20.93
CA ARG A 856 -12.69 -10.88 21.41
C ARG A 856 -12.03 -10.14 20.25
N ALA A 857 -11.68 -10.88 19.19
CA ALA A 857 -11.15 -10.31 17.97
C ALA A 857 -12.08 -9.25 17.44
N TYR A 858 -13.37 -9.58 17.36
CA TYR A 858 -14.29 -8.69 16.71
C TYR A 858 -14.39 -7.35 17.44
N THR A 859 -14.28 -7.37 18.82
CA THR A 859 -14.40 -6.09 19.55
C THR A 859 -13.07 -5.38 19.65
N ILE A 860 -11.96 -6.13 19.70
CA ILE A 860 -10.66 -5.49 19.50
C ILE A 860 -10.68 -4.67 18.21
N LEU A 861 -11.00 -5.33 17.10
CA LEU A 861 -10.93 -4.61 15.84
C LEU A 861 -11.91 -3.48 15.88
N ARG A 862 -13.06 -3.71 16.53
CA ARG A 862 -14.12 -2.70 16.57
C ARG A 862 -13.67 -1.41 17.24
N ARG A 863 -12.70 -1.47 18.16
CA ARG A 863 -12.15 -0.25 18.72
C ARG A 863 -11.39 0.53 17.68
N HIS A 864 -10.55 -0.12 16.89
CA HIS A 864 -9.84 0.59 15.84
C HIS A 864 -10.62 0.67 14.56
N GLY A 865 -11.94 0.80 14.59
CA GLY A 865 -12.70 0.89 13.36
C GLY A 865 -12.42 2.15 12.57
N LEU A 866 -12.15 3.27 13.23
CA LEU A 866 -11.74 4.44 12.47
C LEU A 866 -10.42 4.22 11.78
N LEU A 867 -9.47 3.54 12.45
CA LEU A 867 -8.21 3.28 11.78
C LEU A 867 -8.50 2.61 10.45
N PHE A 868 -9.40 1.63 10.47
CA PHE A 868 -9.78 0.95 9.24
C PHE A 868 -10.53 1.87 8.30
N LEU A 869 -11.37 2.75 8.81
CA LEU A 869 -12.12 3.62 7.91
C LEU A 869 -11.21 4.61 7.22
N HIS A 870 -10.22 5.14 7.93
CA HIS A 870 -9.43 6.19 7.32
C HIS A 870 -8.54 5.65 6.22
N LEU A 871 -7.95 4.47 6.43
CA LEU A 871 -7.06 3.90 5.43
C LEU A 871 -7.81 3.59 4.15
N PHE A 872 -8.97 2.91 4.30
CA PHE A 872 -9.83 2.61 3.16
C PHE A 872 -10.26 3.89 2.44
N ALA A 873 -10.53 4.94 3.20
CA ALA A 873 -10.90 6.19 2.58
C ALA A 873 -9.81 6.62 1.63
N LEU A 874 -8.59 6.65 2.13
CA LEU A 874 -7.45 6.94 1.28
C LEU A 874 -7.36 5.96 0.13
N MET A 875 -7.72 4.70 0.34
CA MET A 875 -7.53 3.74 -0.73
C MET A 875 -8.48 3.94 -1.87
N ARG A 876 -9.55 4.71 -1.67
CA ARG A 876 -10.47 4.93 -2.77
C ARG A 876 -9.70 5.57 -3.92
N ALA A 877 -8.66 6.35 -3.62
CA ALA A 877 -7.75 6.81 -4.67
C ALA A 877 -7.17 5.70 -5.54
N ALA A 878 -7.29 4.44 -5.16
CA ALA A 878 -6.49 3.50 -5.96
C ALA A 878 -7.21 3.16 -7.24
N GLY A 879 -8.48 3.52 -7.36
CA GLY A 879 -9.15 3.05 -8.54
C GLY A 879 -9.39 1.58 -8.47
N LEU A 880 -9.48 1.06 -7.31
CA LEU A 880 -9.91 -0.31 -7.19
C LEU A 880 -11.40 -0.39 -7.51
N PRO A 881 -11.79 -1.31 -8.37
CA PRO A 881 -13.20 -1.37 -8.77
C PRO A 881 -14.13 -1.84 -7.67
N GLU A 882 -13.72 -2.73 -6.75
CA GLU A 882 -14.60 -3.07 -5.63
C GLU A 882 -14.47 -2.05 -4.50
N LEU A 883 -13.56 -1.08 -4.60
CA LEU A 883 -13.54 0.02 -3.65
C LEU A 883 -13.86 1.35 -4.33
N SER A 884 -15.03 1.43 -4.99
CA SER A 884 -15.35 2.51 -5.92
C SER A 884 -15.93 3.72 -5.22
N CYS A 885 -17.01 3.50 -4.51
CA CYS A 885 -17.85 4.60 -4.09
C CYS A 885 -17.93 4.70 -2.57
N SER A 886 -18.99 5.36 -2.11
CA SER A 886 -19.28 5.45 -0.69
C SER A 886 -19.92 4.17 -0.15
N LYS A 887 -20.64 3.42 -0.97
CA LYS A 887 -21.36 2.29 -0.38
C LYS A 887 -20.40 1.19 0.00
N ASP A 888 -19.27 1.11 -0.71
CA ASP A 888 -18.22 0.16 -0.34
C ASP A 888 -17.71 0.47 1.07
N ILE A 889 -17.37 1.73 1.34
CA ILE A 889 -16.89 2.07 2.69
C ILE A 889 -17.99 1.86 3.75
N GLN A 890 -19.25 1.99 3.34
CA GLN A 890 -20.37 1.67 4.20
C GLN A 890 -20.57 0.16 4.38
N TYR A 891 -19.93 -0.71 3.58
CA TYR A 891 -19.89 -2.11 4.02
C TYR A 891 -19.08 -2.24 5.30
N LEU A 892 -17.93 -1.55 5.37
CA LEU A 892 -16.99 -1.76 6.45
C LEU A 892 -17.60 -1.23 7.72
N LYS A 893 -18.21 -0.04 7.61
CA LYS A 893 -19.00 0.54 8.70
C LYS A 893 -19.96 -0.47 9.34
N ASP A 894 -20.72 -1.21 8.51
CA ASP A 894 -21.65 -2.18 9.09
C ASP A 894 -20.92 -3.37 9.70
N SER A 895 -20.10 -4.07 8.92
CA SER A 895 -19.49 -5.28 9.48
C SER A 895 -18.82 -4.96 10.79
N LEU A 896 -18.36 -3.72 10.96
CA LEU A 896 -17.72 -3.25 12.17
C LEU A 896 -18.68 -2.52 13.09
N ALA A 897 -20.00 -2.74 12.92
CA ALA A 897 -21.08 -2.15 13.71
C ALA A 897 -20.72 -0.79 14.28
N LEU A 898 -20.21 0.12 13.46
CA LEU A 898 -19.47 1.23 14.03
C LEU A 898 -20.35 2.29 14.68
N GLY A 899 -21.66 2.29 14.43
CA GLY A 899 -22.56 3.23 15.12
C GLY A 899 -22.94 2.88 16.55
N LYS A 900 -22.94 1.58 16.91
CA LYS A 900 -23.63 1.00 18.05
C LYS A 900 -22.69 0.90 19.28
N THR A 901 -23.16 0.30 20.37
CA THR A 901 -22.33 0.23 21.57
C THR A 901 -21.51 -1.07 21.59
N GLU A 902 -20.63 -1.19 22.59
CA GLU A 902 -19.73 -2.31 22.54
C GLU A 902 -20.46 -3.61 22.82
N GLU A 903 -21.49 -3.57 23.67
CA GLU A 903 -22.21 -4.79 23.96
C GLU A 903 -23.47 -4.94 23.13
N GLU A 904 -23.95 -3.90 22.49
CA GLU A 904 -25.04 -4.13 21.57
C GLU A 904 -24.54 -4.65 20.22
N ALA A 905 -23.35 -4.23 19.81
CA ALA A 905 -22.75 -4.83 18.64
C ALA A 905 -22.41 -6.29 18.90
N LEU A 906 -22.00 -6.61 20.13
CA LEU A 906 -21.56 -7.99 20.31
C LEU A 906 -22.74 -8.94 20.43
N LYS A 907 -23.91 -8.46 20.87
CA LYS A 907 -25.09 -9.31 20.77
C LYS A 907 -25.51 -9.46 19.31
N HIS A 908 -25.50 -8.35 18.54
CA HIS A 908 -25.61 -8.48 17.08
C HIS A 908 -24.51 -9.36 16.46
N PHE A 909 -23.23 -9.19 16.85
CA PHE A 909 -22.25 -10.14 16.32
C PHE A 909 -22.67 -11.56 16.68
N ARG A 910 -23.20 -11.72 17.91
CA ARG A 910 -23.69 -13.04 18.34
C ARG A 910 -24.78 -13.57 17.41
N VAL A 911 -25.63 -12.66 16.88
CA VAL A 911 -26.71 -13.08 15.97
C VAL A 911 -26.10 -13.67 14.70
N LYS A 912 -25.11 -13.01 14.13
CA LYS A 912 -24.56 -13.55 12.90
C LYS A 912 -23.89 -14.90 13.16
N PHE A 913 -23.27 -15.04 14.33
CA PHE A 913 -22.37 -16.18 14.55
C PHE A 913 -23.15 -17.48 14.67
N ASN A 914 -24.41 -17.39 15.13
CA ASN A 914 -25.23 -18.58 15.28
C ASN A 914 -25.99 -18.81 14.00
N GLU A 915 -26.38 -17.71 13.38
CA GLU A 915 -26.86 -17.74 12.00
C GLU A 915 -25.94 -18.60 11.13
N ALA A 916 -24.63 -18.42 11.28
CA ALA A 916 -23.63 -19.11 10.48
C ALA A 916 -23.30 -20.51 10.98
N LEU A 917 -23.64 -20.79 12.23
CA LEU A 917 -23.28 -22.06 12.84
C LEU A 917 -24.15 -23.18 12.30
N ARG A 918 -25.40 -22.87 11.91
CA ARG A 918 -26.32 -23.90 11.41
C ARG A 918 -25.86 -24.63 10.12
N GLU A 919 -24.57 -24.52 9.76
CA GLU A 919 -24.01 -25.27 8.64
C GLU A 919 -23.03 -26.28 9.21
N12 GFJ B . -3.41 -18.64 -7.05
C13 GFJ B . -2.74 -18.67 -5.84
C15 GFJ B . -2.69 -17.72 -4.84
C17 GFJ B . -1.25 -19.21 -3.52
C22 GFJ B . -3.71 -20.20 -8.92
C24 GFJ B . -3.36 -16.45 -4.99
C26 GFJ B . -4.42 -14.80 -5.88
C01 GFJ B . 1.54 -21.98 -9.57
C02 GFJ B . 1.06 -20.73 -9.23
C03 GFJ B . -0.71 -21.83 -7.94
C04 GFJ B . -0.23 -23.07 -8.30
C05 GFJ B . 0.91 -23.12 -9.11
C06 GFJ B . -1.87 -21.81 -7.09
C07 GFJ B . -2.50 -22.95 -6.64
C08 GFJ B . -1.90 -24.09 -7.09
N09 GFJ B . -0.83 -24.16 -7.87
N10 GFJ B . -2.39 -20.57 -6.77
C11 GFJ B . -3.18 -19.79 -7.61
C14 GFJ B . -2.09 -19.87 -5.64
C16 GFJ B . -1.93 -17.98 -3.72
C18 GFJ B . -1.31 -20.18 -4.52
C19 GFJ B . -0.04 -20.70 -8.42
F20 GFJ B . -0.44 -19.48 -8.08
F21 GFJ B . 1.49 -24.28 -9.49
C23 GFJ B . -0.45 -19.36 -2.33
N25 GFJ B . -4.08 -16.07 -6.09
N27 GFJ B . -3.94 -14.38 -4.75
N28 GFJ B . -3.29 -15.42 -4.17
C29 GFJ B . -0.16 -20.60 -1.84
C30 GFJ B . 0.64 -20.79 -0.75
N31 GFJ B . 1.17 -19.74 -0.10
C32 GFJ B . 0.85 -18.49 -0.56
C33 GFJ B . 0.06 -18.26 -1.66
F34 GFJ B . -0.66 -21.69 -2.42
N35 GFJ B . 0.87 -22.11 -0.37
#